data_1VQY
#
_entry.id   1VQY
#
_cell.length_a   68.035
_cell.length_b   110.924
_cell.length_c   129.927
_cell.angle_alpha   90.00
_cell.angle_beta   90.00
_cell.angle_gamma   90.00
#
_symmetry.space_group_name_H-M   'P 21 21 21'
#
loop_
_entity.id
_entity.type
_entity.pdbx_description
1 polymer 'hypothetical protein AGR_pAT_315'
2 non-polymer 'PHOSPHATE ION'
3 water water
#
_entity_poly.entity_id   1
_entity_poly.type   'polypeptide(L)'
_entity_poly.pdbx_seq_one_letter_code
;(MSE)GSDKIHHHHHH(MSE)IVEERIYRIRGGK(MSE)QEYLKLVREEGIAIQAPILGNLIGYFVTDIGPLSQVIH
(MSE)WGYASLDDRAERRGKLAEDQRWQAFIPRLSVLIESSENRILLPTDFSPLR
;
_entity_poly.pdbx_strand_id   A,B,C,D,E,F,G,H
#
loop_
_chem_comp.id
_chem_comp.type
_chem_comp.name
_chem_comp.formula
PO4 non-polymer 'PHOSPHATE ION' 'O4 P -3'
#
# COMPACT_ATOMS: atom_id res chain seq x y z
N HIS A 12 -5.66 -21.16 22.87
CA HIS A 12 -5.30 -20.28 24.02
C HIS A 12 -3.98 -19.53 23.83
N MSE A 13 -3.01 -20.12 23.12
CA MSE A 13 -1.72 -19.47 22.87
C MSE A 13 -1.90 -18.41 21.82
O MSE A 13 -2.66 -18.62 20.88
CB MSE A 13 -0.68 -20.48 22.36
CG MSE A 13 0.73 -19.92 22.16
SE MSE A 13 1.82 -21.00 20.90
CE MSE A 13 0.81 -20.73 19.27
N ILE A 14 -1.21 -17.30 21.96
CA ILE A 14 -1.19 -16.29 20.91
C ILE A 14 0.20 -16.14 20.28
N VAL A 15 0.16 -15.71 19.02
CA VAL A 15 1.37 -15.50 18.23
C VAL A 15 1.50 -14.04 17.78
N GLU A 16 2.65 -13.43 18.07
CA GLU A 16 2.99 -12.11 17.54
C GLU A 16 3.92 -12.30 16.34
N GLU A 17 3.53 -11.71 15.22
CA GLU A 17 4.40 -11.65 14.04
C GLU A 17 4.89 -10.22 13.93
N ARG A 18 6.21 -10.08 13.89
CA ARG A 18 6.86 -8.79 13.74
C ARG A 18 7.50 -8.85 12.38
N ILE A 19 7.42 -7.75 11.63
CA ILE A 19 7.89 -7.69 10.25
C ILE A 19 8.66 -6.41 10.08
N TYR A 20 9.97 -6.50 9.85
CA TYR A 20 10.80 -5.31 9.67
C TYR A 20 11.28 -5.18 8.23
N ARG A 21 11.36 -3.94 7.76
CA ARG A 21 11.99 -3.59 6.50
C ARG A 21 13.34 -3.01 6.86
N ILE A 22 14.42 -3.66 6.41
CA ILE A 22 15.78 -3.24 6.76
C ILE A 22 16.35 -2.30 5.71
N ARG A 23 17.10 -1.30 6.14
CA ARG A 23 17.74 -0.38 5.20
C ARG A 23 18.64 -1.11 4.20
N GLY A 24 18.62 -0.62 2.96
CA GLY A 24 19.36 -1.23 1.87
C GLY A 24 20.84 -1.33 2.18
N GLY A 25 21.40 -2.54 2.00
CA GLY A 25 22.80 -2.81 2.30
C GLY A 25 23.10 -3.20 3.74
N LYS A 26 22.12 -3.10 4.63
CA LYS A 26 22.37 -3.29 6.07
C LYS A 26 21.90 -4.66 6.62
N MSE A 27 21.48 -5.57 5.76
CA MSE A 27 20.89 -6.85 6.22
C MSE A 27 21.90 -7.71 6.99
O MSE A 27 21.60 -8.20 8.05
CB MSE A 27 20.30 -7.65 5.06
CG MSE A 27 19.58 -8.93 5.47
SE MSE A 27 18.10 -8.57 6.75
CE MSE A 27 17.92 -10.14 7.30
N GLN A 28 23.09 -7.88 6.43
CA GLN A 28 24.08 -8.70 7.11
C GLN A 28 24.47 -8.08 8.46
N GLU A 29 24.56 -6.76 8.50
CA GLU A 29 24.81 -6.02 9.74
C GLU A 29 23.73 -6.33 10.77
N TYR A 30 22.47 -6.25 10.33
CA TYR A 30 21.34 -6.50 11.20
C TYR A 30 21.37 -7.91 11.79
N LEU A 31 21.67 -8.89 10.94
CA LEU A 31 21.58 -10.29 11.37
C LEU A 31 22.68 -10.63 12.38
N LYS A 32 23.88 -10.10 12.13
CA LYS A 32 25.04 -10.25 13.01
C LYS A 32 24.77 -9.75 14.44
N LEU A 33 24.22 -8.54 14.55
CA LEU A 33 23.88 -8.00 15.86
C LEU A 33 22.88 -8.90 16.63
N VAL A 34 21.83 -9.35 15.93
CA VAL A 34 20.82 -10.23 16.50
C VAL A 34 21.41 -11.61 16.79
N ARG A 35 22.17 -12.14 15.83
CA ARG A 35 22.77 -13.45 16.01
C ARG A 35 23.72 -13.45 17.20
N GLU A 36 24.57 -12.44 17.28
CA GLU A 36 25.70 -12.45 18.20
C GLU A 36 25.41 -11.87 19.58
N GLU A 37 24.42 -10.97 19.65
CA GLU A 37 24.07 -10.28 20.88
C GLU A 37 22.56 -10.30 21.21
N GLY A 38 21.75 -9.80 20.29
CA GLY A 38 20.35 -9.52 20.56
C GLY A 38 19.51 -10.71 21.03
N ILE A 39 19.60 -11.81 20.31
CA ILE A 39 18.70 -12.94 20.52
C ILE A 39 18.97 -13.64 21.86
N ALA A 40 20.24 -13.67 22.27
CA ALA A 40 20.64 -14.25 23.55
C ALA A 40 20.01 -13.51 24.73
N ILE A 41 19.77 -12.22 24.56
CA ILE A 41 19.10 -11.41 25.60
C ILE A 41 17.59 -11.56 25.51
N GLN A 42 17.08 -11.35 24.31
CA GLN A 42 15.66 -11.24 24.06
C GLN A 42 14.87 -12.55 24.27
N ALA A 43 15.43 -13.66 23.81
CA ALA A 43 14.74 -14.95 23.84
C ALA A 43 14.40 -15.45 25.25
N PRO A 44 15.40 -15.51 26.14
CA PRO A 44 15.06 -15.90 27.50
C PRO A 44 13.87 -15.12 28.06
N ILE A 45 13.90 -13.80 27.88
CA ILE A 45 12.91 -12.93 28.52
C ILE A 45 11.52 -13.15 27.91
N LEU A 46 11.44 -13.11 26.59
CA LEU A 46 10.16 -13.21 25.87
C LEU A 46 9.63 -14.64 25.85
N GLY A 47 10.52 -15.61 25.85
CA GLY A 47 10.18 -16.96 26.28
C GLY A 47 9.94 -18.00 25.21
N ASN A 48 9.44 -17.59 24.06
CA ASN A 48 9.14 -18.55 23.02
C ASN A 48 9.31 -18.01 21.60
N LEU A 49 10.56 -17.81 21.19
CA LEU A 49 10.88 -17.56 19.78
C LEU A 49 10.44 -18.78 18.98
N ILE A 50 9.54 -18.58 18.03
CA ILE A 50 9.04 -19.67 17.21
C ILE A 50 9.89 -19.77 15.95
N GLY A 51 10.12 -18.64 15.29
CA GLY A 51 10.91 -18.60 14.06
C GLY A 51 11.45 -17.22 13.73
N TYR A 52 12.46 -17.19 12.86
CA TYR A 52 13.15 -15.94 12.49
C TYR A 52 13.61 -16.08 11.03
N PHE A 53 13.16 -15.19 10.17
CA PHE A 53 13.29 -15.38 8.71
C PHE A 53 13.69 -14.13 7.95
N VAL A 54 14.38 -14.34 6.82
CA VAL A 54 14.73 -13.29 5.87
C VAL A 54 14.06 -13.66 4.56
N THR A 55 13.26 -12.75 4.01
CA THR A 55 12.51 -13.04 2.79
C THR A 55 13.45 -13.16 1.59
N ASP A 56 13.27 -14.23 0.82
CA ASP A 56 13.99 -14.47 -0.44
C ASP A 56 13.15 -14.02 -1.65
N ILE A 57 11.83 -14.24 -1.57
CA ILE A 57 10.92 -13.88 -2.66
C ILE A 57 9.64 -13.24 -2.12
N GLY A 58 9.37 -12.03 -2.58
CA GLY A 58 8.36 -11.16 -2.02
C GLY A 58 8.99 -9.80 -1.67
N PRO A 59 8.54 -9.19 -0.58
CA PRO A 59 9.20 -7.96 -0.17
C PRO A 59 10.61 -8.26 0.28
N LEU A 60 11.56 -7.50 -0.25
CA LEU A 60 12.97 -7.79 -0.03
C LEU A 60 13.59 -6.84 1.00
N SER A 61 14.76 -7.24 1.49
CA SER A 61 15.33 -6.67 2.69
C SER A 61 14.30 -6.66 3.83
N GLN A 62 13.64 -7.81 4.01
CA GLN A 62 12.58 -7.96 5.00
C GLN A 62 12.93 -9.11 5.98
N VAL A 63 12.85 -8.85 7.29
CA VAL A 63 12.90 -9.89 8.32
C VAL A 63 11.54 -10.08 8.99
N ILE A 64 11.20 -11.33 9.25
CA ILE A 64 9.98 -11.66 9.96
C ILE A 64 10.40 -12.51 11.16
N HIS A 65 9.94 -12.12 12.36
CA HIS A 65 10.05 -12.99 13.54
C HIS A 65 8.72 -13.23 14.25
N MSE A 66 8.55 -14.45 14.73
CA MSE A 66 7.36 -14.86 15.42
C MSE A 66 7.70 -15.29 16.82
O MSE A 66 8.70 -15.96 17.06
CB MSE A 66 6.68 -16.00 14.72
CG MSE A 66 5.61 -15.56 13.69
SE MSE A 66 5.18 -17.03 12.47
CE MSE A 66 4.53 -18.25 13.70
N TRP A 67 6.82 -14.87 17.72
CA TRP A 67 6.94 -15.09 19.15
C TRP A 67 5.61 -15.64 19.63
N GLY A 68 5.69 -16.61 20.54
CA GLY A 68 4.49 -17.21 21.12
C GLY A 68 4.32 -16.75 22.54
N TYR A 69 3.08 -16.65 22.98
CA TYR A 69 2.78 -16.28 24.37
C TYR A 69 1.56 -17.04 24.92
N ALA A 70 1.56 -17.28 26.22
CA ALA A 70 0.43 -17.92 26.88
C ALA A 70 -0.82 -17.03 26.84
N SER A 71 -0.62 -15.72 27.01
CA SER A 71 -1.72 -14.77 26.98
C SER A 71 -1.22 -13.38 26.58
N LEU A 72 -2.16 -12.48 26.37
CA LEU A 72 -1.79 -11.12 26.00
C LEU A 72 -1.23 -10.36 27.21
N ASP A 73 -1.64 -10.71 28.43
CA ASP A 73 -1.08 -10.02 29.59
C ASP A 73 0.24 -10.66 30.08
N ASP A 74 0.44 -11.93 29.76
CA ASP A 74 1.76 -12.58 29.87
C ASP A 74 2.73 -11.92 28.90
N ARG A 75 2.26 -11.64 27.68
CA ARG A 75 3.06 -10.95 26.68
C ARG A 75 3.55 -9.62 27.21
N ALA A 76 2.64 -8.84 27.78
CA ALA A 76 2.90 -7.45 28.21
C ALA A 76 3.89 -7.43 29.35
N GLU A 77 3.74 -8.39 30.24
CA GLU A 77 4.63 -8.60 31.38
C GLU A 77 6.05 -8.94 30.89
N ARG A 78 6.14 -9.84 29.91
CA ARG A 78 7.43 -10.23 29.36
C ARG A 78 8.05 -9.11 28.55
N ARG A 79 7.25 -8.50 27.68
CA ARG A 79 7.73 -7.37 26.89
C ARG A 79 8.13 -6.20 27.77
N GLY A 80 7.45 -6.06 28.91
CA GLY A 80 7.80 -5.08 29.93
C GLY A 80 9.16 -5.36 30.54
N LYS A 81 9.39 -6.61 30.92
CA LYS A 81 10.68 -7.01 31.46
C LYS A 81 11.82 -6.74 30.48
N LEU A 82 11.56 -6.94 29.18
CA LEU A 82 12.56 -6.71 28.13
C LEU A 82 12.96 -5.24 28.02
N ALA A 83 11.95 -4.38 27.97
CA ALA A 83 12.12 -2.92 27.84
C ALA A 83 12.99 -2.30 28.93
N GLU A 84 12.99 -2.93 30.10
CA GLU A 84 13.74 -2.42 31.24
C GLU A 84 15.01 -3.24 31.52
N ASP A 85 15.27 -4.25 30.69
CA ASP A 85 16.54 -4.97 30.76
C ASP A 85 17.65 -4.06 30.30
N GLN A 86 18.71 -3.92 31.12
CA GLN A 86 19.80 -3.01 30.84
C GLN A 86 20.61 -3.35 29.59
N ARG A 87 20.79 -4.64 29.32
CA ARG A 87 21.55 -5.04 28.14
C ARG A 87 20.76 -4.74 26.89
N TRP A 88 19.46 -4.99 26.94
CA TRP A 88 18.57 -4.70 25.82
C TRP A 88 18.48 -3.21 25.56
N GLN A 89 18.45 -2.43 26.63
CA GLN A 89 18.47 -0.96 26.53
C GLN A 89 19.74 -0.45 25.83
N ALA A 90 20.85 -1.14 26.03
CA ALA A 90 22.11 -0.77 25.38
C ALA A 90 22.12 -1.26 23.94
N PHE A 91 21.45 -2.37 23.69
CA PHE A 91 21.51 -3.04 22.40
C PHE A 91 20.56 -2.43 21.38
N ILE A 92 19.32 -2.17 21.79
CA ILE A 92 18.25 -1.82 20.84
C ILE A 92 18.47 -0.54 20.00
N PRO A 93 19.12 0.52 20.55
CA PRO A 93 19.49 1.69 19.71
C PRO A 93 20.43 1.38 18.53
N ARG A 94 21.29 0.38 18.68
CA ARG A 94 22.18 0.00 17.61
C ARG A 94 21.47 -0.76 16.51
N LEU A 95 20.43 -1.49 16.88
CA LEU A 95 19.65 -2.22 15.91
C LEU A 95 18.65 -1.29 15.21
N SER A 96 18.03 -0.39 15.99
CA SER A 96 17.00 0.51 15.49
C SER A 96 17.44 1.42 14.32
N VAL A 97 18.70 1.81 14.33
CA VAL A 97 19.26 2.68 13.30
C VAL A 97 19.35 2.00 11.92
N LEU A 98 19.24 0.67 11.88
CA LEU A 98 19.27 -0.12 10.64
C LEU A 98 17.86 -0.47 10.10
N ILE A 99 16.84 -0.18 10.90
CA ILE A 99 15.46 -0.50 10.56
C ILE A 99 14.77 0.69 9.90
N GLU A 100 14.26 0.49 8.69
CA GLU A 100 13.63 1.58 7.94
C GLU A 100 12.15 1.69 8.32
N SER A 101 11.48 0.55 8.51
CA SER A 101 10.09 0.53 8.99
C SER A 101 9.71 -0.82 9.64
N SER A 102 8.69 -0.79 10.48
CA SER A 102 8.30 -2.00 11.22
C SER A 102 6.81 -1.97 11.49
N GLU A 103 6.28 -3.18 11.65
CA GLU A 103 4.90 -3.38 12.02
C GLU A 103 4.79 -4.74 12.71
N ASN A 104 3.69 -4.93 13.43
CA ASN A 104 3.41 -6.20 14.06
C ASN A 104 1.91 -6.47 14.03
N ARG A 105 1.55 -7.69 14.39
CA ARG A 105 0.15 -8.05 14.45
C ARG A 105 -0.01 -9.25 15.39
N ILE A 106 -1.20 -9.38 15.97
CA ILE A 106 -1.51 -10.52 16.81
C ILE A 106 -2.32 -11.54 16.02
N LEU A 107 -1.79 -12.76 16.00
CA LEU A 107 -2.38 -13.88 15.30
C LEU A 107 -2.92 -14.86 16.30
N LEU A 108 -4.14 -15.32 16.05
CA LEU A 108 -4.77 -16.39 16.85
C LEU A 108 -4.79 -17.69 16.03
N PRO A 109 -4.04 -18.71 16.46
CA PRO A 109 -4.00 -19.99 15.74
C PRO A 109 -5.36 -20.63 15.64
N THR A 110 -5.61 -21.31 14.54
CA THR A 110 -6.86 -22.06 14.41
C THR A 110 -6.77 -23.35 15.25
N ASP A 111 -7.89 -24.03 15.44
CA ASP A 111 -7.86 -25.32 16.16
C ASP A 111 -7.26 -26.45 15.33
N PHE A 112 -6.83 -26.14 14.10
CA PHE A 112 -6.13 -27.11 13.26
C PHE A 112 -4.73 -26.66 12.90
N SER A 113 -4.20 -25.67 13.61
CA SER A 113 -2.87 -25.17 13.41
C SER A 113 -1.94 -26.03 14.23
N PRO A 114 -0.87 -26.58 13.63
CA PRO A 114 0.15 -27.25 14.44
C PRO A 114 0.81 -26.40 15.54
N LEU A 115 0.92 -25.11 15.29
CA LEU A 115 1.31 -24.18 16.32
C LEU A 115 0.06 -23.65 16.93
N ARG A 116 -0.27 -24.12 18.14
CA ARG A 116 -1.49 -23.70 18.82
C ARG A 116 -1.45 -24.04 20.30
N SER B 3 8.22 -24.31 23.69
CA SER B 3 9.53 -24.43 24.42
C SER B 3 10.73 -24.56 23.44
N ASP B 4 11.92 -24.78 23.97
CA ASP B 4 13.17 -24.83 23.20
C ASP B 4 13.17 -25.88 22.09
N LYS B 5 14.04 -25.67 21.12
CA LYS B 5 14.37 -26.67 20.11
C LYS B 5 15.84 -26.99 20.20
N ILE B 6 16.20 -28.13 19.63
CA ILE B 6 17.57 -28.61 19.67
C ILE B 6 17.92 -29.15 18.28
N HIS B 7 19.04 -28.66 17.77
CA HIS B 7 19.56 -29.07 16.46
C HIS B 7 21.01 -29.58 16.59
N HIS B 8 21.35 -30.60 15.83
CA HIS B 8 22.75 -31.08 15.79
C HIS B 8 23.35 -31.03 14.37
N HIS B 9 22.53 -31.26 13.35
CA HIS B 9 22.95 -31.17 11.95
C HIS B 9 21.96 -30.32 11.15
N HIS B 10 22.47 -29.61 10.13
CA HIS B 10 21.63 -28.79 9.26
C HIS B 10 20.81 -29.66 8.30
N HIS B 11 19.56 -29.27 8.07
CA HIS B 11 18.78 -29.73 6.93
C HIS B 11 18.22 -28.48 6.23
N HIS B 12 18.36 -28.41 4.90
CA HIS B 12 17.89 -27.22 4.17
C HIS B 12 16.36 -27.18 4.13
N MSE B 13 15.81 -26.04 4.49
CA MSE B 13 14.38 -25.88 4.55
C MSE B 13 13.96 -24.43 4.24
O MSE B 13 14.56 -23.48 4.72
CB MSE B 13 13.86 -26.27 5.93
CG MSE B 13 12.36 -26.51 5.98
SE MSE B 13 11.60 -26.26 7.80
CE MSE B 13 11.96 -24.33 8.04
N ILE B 14 12.93 -24.30 3.42
CA ILE B 14 12.36 -23.00 3.15
C ILE B 14 10.94 -23.00 3.68
N VAL B 15 10.42 -21.82 3.94
CA VAL B 15 9.08 -21.63 4.48
C VAL B 15 8.27 -20.71 3.56
N GLU B 16 7.08 -21.16 3.15
CA GLU B 16 6.19 -20.32 2.40
C GLU B 16 5.10 -19.74 3.30
N GLU B 17 4.95 -18.42 3.24
CA GLU B 17 3.87 -17.70 3.92
C GLU B 17 2.80 -17.29 2.91
N ARG B 18 1.59 -17.78 3.07
CA ARG B 18 0.44 -17.34 2.29
C ARG B 18 -0.52 -16.52 3.16
N ILE B 19 -1.02 -15.43 2.60
CA ILE B 19 -1.69 -14.37 3.37
C ILE B 19 -2.89 -14.02 2.55
N TYR B 20 -4.09 -14.39 3.03
CA TYR B 20 -5.32 -14.16 2.29
C TYR B 20 -6.16 -13.15 3.04
N ARG B 21 -6.74 -12.18 2.31
CA ARG B 21 -7.81 -11.36 2.85
C ARG B 21 -9.11 -11.99 2.45
N ILE B 22 -9.89 -12.38 3.46
CA ILE B 22 -11.20 -13.02 3.25
C ILE B 22 -12.32 -11.99 3.12
N ARG B 23 -13.31 -12.32 2.32
CA ARG B 23 -14.46 -11.43 2.11
C ARG B 23 -15.24 -11.28 3.41
N GLY B 24 -15.67 -10.05 3.68
CA GLY B 24 -16.43 -9.74 4.88
C GLY B 24 -17.61 -10.67 5.06
N GLY B 25 -17.78 -11.18 6.28
CA GLY B 25 -18.86 -12.10 6.58
C GLY B 25 -18.56 -13.57 6.28
N LYS B 26 -17.37 -13.85 5.74
CA LYS B 26 -17.03 -15.22 5.26
C LYS B 26 -15.99 -15.98 6.10
N MSE B 27 -15.45 -15.36 7.13
CA MSE B 27 -14.40 -16.01 7.92
C MSE B 27 -14.75 -17.39 8.45
O MSE B 27 -13.96 -18.32 8.33
CB MSE B 27 -13.88 -15.12 9.08
CG MSE B 27 -12.58 -15.67 9.78
SE MSE B 27 -11.17 -16.11 8.49
CE MSE B 27 -10.70 -14.34 8.15
N GLN B 28 -15.94 -17.52 9.05
CA GLN B 28 -16.32 -18.81 9.63
C GLN B 28 -16.61 -19.86 8.58
N GLU B 29 -17.09 -19.43 7.42
CA GLU B 29 -17.32 -20.34 6.29
C GLU B 29 -15.98 -20.81 5.70
N TYR B 30 -15.07 -19.86 5.47
CA TYR B 30 -13.69 -20.17 5.05
C TYR B 30 -13.06 -21.20 6.00
N LEU B 31 -13.06 -20.88 7.29
CA LEU B 31 -12.50 -21.74 8.31
C LEU B 31 -13.11 -23.13 8.37
N LYS B 32 -14.43 -23.18 8.20
CA LYS B 32 -15.17 -24.43 8.30
C LYS B 32 -14.81 -25.37 7.16
N LEU B 33 -14.74 -24.81 5.95
CA LEU B 33 -14.28 -25.59 4.81
C LEU B 33 -12.89 -26.18 5.01
N VAL B 34 -11.97 -25.38 5.54
CA VAL B 34 -10.61 -25.85 5.70
C VAL B 34 -10.58 -26.89 6.84
N ARG B 35 -11.15 -26.54 7.99
CA ARG B 35 -11.26 -27.47 9.14
C ARG B 35 -11.78 -28.85 8.74
N GLU B 36 -12.94 -28.85 8.08
CA GLU B 36 -13.71 -30.06 7.83
C GLU B 36 -13.30 -30.85 6.58
N GLU B 37 -12.68 -30.19 5.60
CA GLU B 37 -12.30 -30.87 4.35
C GLU B 37 -10.87 -30.58 3.88
N GLY B 38 -10.51 -29.31 3.75
CA GLY B 38 -9.33 -28.93 2.98
C GLY B 38 -7.98 -29.32 3.53
N ILE B 39 -7.81 -29.14 4.83
CA ILE B 39 -6.52 -29.40 5.46
C ILE B 39 -6.21 -30.92 5.50
N ALA B 40 -7.25 -31.74 5.54
CA ALA B 40 -7.11 -33.20 5.45
C ALA B 40 -6.60 -33.69 4.08
N ILE B 41 -6.92 -32.92 3.03
CA ILE B 41 -6.39 -33.18 1.68
C ILE B 41 -5.02 -32.56 1.50
N GLN B 42 -4.97 -31.26 1.79
CA GLN B 42 -3.81 -30.40 1.57
C GLN B 42 -2.53 -30.86 2.30
N ALA B 43 -2.62 -31.12 3.61
CA ALA B 43 -1.41 -31.28 4.44
C ALA B 43 -0.56 -32.50 4.12
N PRO B 44 -1.19 -33.69 4.01
CA PRO B 44 -0.45 -34.89 3.65
C PRO B 44 0.38 -34.76 2.37
N ILE B 45 -0.14 -33.97 1.43
CA ILE B 45 0.45 -33.80 0.09
C ILE B 45 1.57 -32.78 0.13
N LEU B 46 1.29 -31.60 0.67
CA LEU B 46 2.30 -30.56 0.78
C LEU B 46 3.34 -30.92 1.86
N GLY B 47 2.91 -31.67 2.88
CA GLY B 47 3.84 -32.43 3.71
C GLY B 47 4.37 -31.83 4.99
N ASN B 48 4.36 -30.50 5.11
CA ASN B 48 4.80 -29.84 6.34
C ASN B 48 4.09 -28.51 6.65
N LEU B 49 2.85 -28.60 7.14
CA LEU B 49 2.13 -27.43 7.64
C LEU B 49 2.80 -26.97 8.92
N ILE B 50 3.04 -25.66 9.03
CA ILE B 50 3.72 -25.09 10.19
C ILE B 50 2.73 -24.43 11.13
N GLY B 51 1.88 -23.57 10.59
CA GLY B 51 0.91 -22.83 11.38
C GLY B 51 -0.22 -22.31 10.54
N TYR B 52 -1.36 -22.01 11.16
CA TYR B 52 -2.54 -21.53 10.44
C TYR B 52 -3.26 -20.54 11.37
N PHE B 53 -3.37 -19.28 10.95
CA PHE B 53 -3.73 -18.20 11.85
C PHE B 53 -4.83 -17.29 11.29
N VAL B 54 -5.59 -16.68 12.20
CA VAL B 54 -6.51 -15.60 11.85
C VAL B 54 -6.05 -14.41 12.66
N THR B 55 -5.90 -13.25 12.02
CA THR B 55 -5.34 -12.05 12.66
C THR B 55 -6.40 -11.42 13.55
N ASP B 56 -6.05 -11.11 14.79
CA ASP B 56 -6.96 -10.42 15.71
C ASP B 56 -6.65 -8.92 15.83
N ILE B 57 -5.39 -8.57 15.70
CA ILE B 57 -4.97 -7.15 15.67
C ILE B 57 -3.97 -6.95 14.53
N GLY B 58 -4.38 -6.15 13.55
CA GLY B 58 -3.61 -5.92 12.33
C GLY B 58 -4.60 -5.75 11.21
N PRO B 59 -4.21 -6.17 9.98
CA PRO B 59 -5.19 -6.29 8.88
C PRO B 59 -6.18 -7.37 9.28
N LEU B 60 -7.47 -7.08 9.21
CA LEU B 60 -8.46 -8.03 9.69
C LEU B 60 -9.07 -8.75 8.53
N SER B 61 -9.97 -9.68 8.83
CA SER B 61 -10.49 -10.65 7.88
C SER B 61 -9.34 -11.28 7.09
N GLN B 62 -8.27 -11.57 7.84
CA GLN B 62 -6.99 -12.00 7.30
C GLN B 62 -6.68 -13.41 7.82
N VAL B 63 -6.37 -14.32 6.90
CA VAL B 63 -5.81 -15.64 7.27
C VAL B 63 -4.31 -15.71 6.90
N ILE B 64 -3.52 -16.42 7.67
CA ILE B 64 -2.08 -16.60 7.37
C ILE B 64 -1.71 -18.05 7.62
N HIS B 65 -1.13 -18.72 6.63
CA HIS B 65 -0.63 -20.09 6.84
C HIS B 65 0.78 -20.32 6.31
N MSE B 66 1.54 -21.11 7.05
CA MSE B 66 2.93 -21.38 6.74
C MSE B 66 3.19 -22.84 6.43
O MSE B 66 2.69 -23.73 7.12
CB MSE B 66 3.83 -20.94 7.88
CG MSE B 66 4.32 -19.51 7.75
SE MSE B 66 4.92 -18.88 9.50
CE MSE B 66 5.72 -17.26 8.97
N TRP B 67 4.01 -23.05 5.40
CA TRP B 67 4.31 -24.38 4.88
C TRP B 67 5.80 -24.57 4.73
N GLY B 68 6.31 -25.69 5.27
CA GLY B 68 7.72 -26.03 5.20
C GLY B 68 7.99 -26.89 3.98
N TYR B 69 9.07 -26.56 3.26
CA TYR B 69 9.53 -27.37 2.13
C TYR B 69 11.05 -27.53 2.13
N ALA B 70 11.53 -28.55 1.44
CA ALA B 70 12.97 -28.83 1.40
C ALA B 70 13.68 -27.94 0.38
N SER B 71 12.99 -27.68 -0.73
CA SER B 71 13.48 -26.80 -1.78
C SER B 71 12.29 -26.18 -2.52
N LEU B 72 12.55 -25.24 -3.44
CA LEU B 72 11.46 -24.65 -4.20
C LEU B 72 10.94 -25.56 -5.31
N ASP B 73 11.80 -26.47 -5.80
CA ASP B 73 11.36 -27.52 -6.74
C ASP B 73 10.54 -28.59 -6.05
N ASP B 74 10.93 -28.96 -4.84
CA ASP B 74 10.08 -29.80 -4.02
C ASP B 74 8.72 -29.14 -3.83
N ARG B 75 8.72 -27.85 -3.53
CA ARG B 75 7.45 -27.13 -3.39
C ARG B 75 6.62 -27.26 -4.67
N ALA B 76 7.27 -27.04 -5.82
CA ALA B 76 6.62 -27.04 -7.13
C ALA B 76 6.06 -28.42 -7.43
N GLU B 77 6.86 -29.44 -7.12
CA GLU B 77 6.43 -30.81 -7.26
C GLU B 77 5.15 -31.10 -6.46
N ARG B 78 5.15 -30.70 -5.20
CA ARG B 78 4.06 -31.00 -4.27
C ARG B 78 2.81 -30.16 -4.53
N ARG B 79 3.03 -28.90 -4.92
CA ARG B 79 1.90 -28.06 -5.27
C ARG B 79 1.25 -28.53 -6.56
N GLY B 80 2.04 -29.14 -7.44
CA GLY B 80 1.52 -29.73 -8.68
C GLY B 80 0.71 -31.00 -8.45
N LYS B 81 1.13 -31.81 -7.48
CA LYS B 81 0.37 -32.99 -7.05
C LYS B 81 -0.95 -32.56 -6.44
N LEU B 82 -0.94 -31.45 -5.71
CA LEU B 82 -2.16 -30.97 -5.07
C LEU B 82 -3.16 -30.50 -6.12
N ALA B 83 -2.70 -29.72 -7.09
CA ALA B 83 -3.54 -29.23 -8.15
C ALA B 83 -4.16 -30.39 -8.92
N GLU B 84 -3.38 -31.47 -9.00
CA GLU B 84 -3.74 -32.68 -9.73
C GLU B 84 -4.68 -33.62 -8.94
N ASP B 85 -4.84 -33.38 -7.63
CA ASP B 85 -5.68 -34.24 -6.78
C ASP B 85 -7.16 -33.95 -6.97
N GLN B 86 -7.93 -35.02 -7.15
CA GLN B 86 -9.33 -34.95 -7.53
C GLN B 86 -10.21 -34.33 -6.47
N ARG B 87 -10.00 -34.74 -5.21
CA ARG B 87 -10.70 -34.14 -4.08
C ARG B 87 -10.42 -32.64 -3.98
N TRP B 88 -9.15 -32.26 -4.16
CA TRP B 88 -8.76 -30.84 -4.17
C TRP B 88 -9.49 -30.08 -5.28
N GLN B 89 -9.57 -30.66 -6.47
CA GLN B 89 -10.16 -29.97 -7.60
C GLN B 89 -11.62 -29.62 -7.35
N ALA B 90 -12.31 -30.52 -6.63
CA ALA B 90 -13.68 -30.29 -6.20
C ALA B 90 -13.76 -29.31 -5.01
N PHE B 91 -12.70 -29.23 -4.21
CA PHE B 91 -12.69 -28.42 -2.98
C PHE B 91 -12.27 -26.95 -3.17
N ILE B 92 -11.24 -26.74 -3.99
CA ILE B 92 -10.61 -25.42 -4.10
C ILE B 92 -11.49 -24.28 -4.72
N PRO B 93 -12.39 -24.62 -5.66
CA PRO B 93 -13.25 -23.56 -6.16
C PRO B 93 -14.21 -23.01 -5.10
N ARG B 94 -14.60 -23.83 -4.15
CA ARG B 94 -15.51 -23.38 -3.10
C ARG B 94 -14.80 -22.52 -2.10
N LEU B 95 -13.51 -22.75 -1.92
CA LEU B 95 -12.71 -21.95 -1.02
C LEU B 95 -12.29 -20.63 -1.69
N SER B 96 -11.81 -20.73 -2.93
CA SER B 96 -11.27 -19.58 -3.67
C SER B 96 -12.25 -18.44 -3.88
N VAL B 97 -13.53 -18.77 -4.01
CA VAL B 97 -14.55 -17.75 -4.16
C VAL B 97 -14.72 -16.87 -2.88
N LEU B 98 -14.23 -17.35 -1.73
CA LEU B 98 -14.37 -16.61 -0.47
C LEU B 98 -13.18 -15.68 -0.23
N ILE B 99 -12.18 -15.75 -1.11
CA ILE B 99 -10.92 -15.03 -0.96
C ILE B 99 -10.97 -13.74 -1.77
N GLU B 100 -10.77 -12.60 -1.10
CA GLU B 100 -10.73 -11.31 -1.75
C GLU B 100 -9.35 -11.05 -2.37
N SER B 101 -8.29 -11.29 -1.60
CA SER B 101 -6.92 -11.11 -2.07
C SER B 101 -6.03 -12.20 -1.52
N SER B 102 -4.88 -12.37 -2.15
CA SER B 102 -3.91 -13.34 -1.72
C SER B 102 -2.51 -12.89 -2.10
N GLU B 103 -1.52 -13.28 -1.33
CA GLU B 103 -0.13 -13.08 -1.71
C GLU B 103 0.64 -14.13 -0.98
N ASN B 104 1.83 -14.46 -1.47
CA ASN B 104 2.73 -15.37 -0.76
C ASN B 104 4.14 -14.86 -0.84
N ARG B 105 5.01 -15.51 -0.09
CA ARG B 105 6.41 -15.17 -0.11
C ARG B 105 7.24 -16.31 0.43
N ILE B 106 8.51 -16.34 0.04
CA ILE B 106 9.40 -17.39 0.49
C ILE B 106 10.35 -16.81 1.54
N LEU B 107 10.33 -17.44 2.71
CA LEU B 107 11.16 -17.06 3.84
C LEU B 107 12.27 -18.09 4.08
N LEU B 108 13.48 -17.58 4.29
CA LEU B 108 14.63 -18.40 4.65
C LEU B 108 14.91 -18.23 6.14
N PRO B 109 14.77 -19.31 6.93
CA PRO B 109 15.14 -19.23 8.35
C PRO B 109 16.60 -18.85 8.58
N THR B 110 16.86 -17.97 9.54
CA THR B 110 18.24 -17.72 9.95
C THR B 110 18.84 -18.95 10.62
N ASP B 111 20.15 -18.98 10.77
CA ASP B 111 20.81 -20.09 11.43
C ASP B 111 20.52 -20.10 12.95
N PHE B 112 19.90 -19.05 13.47
CA PHE B 112 19.49 -19.00 14.87
C PHE B 112 17.98 -19.12 15.06
N SER B 113 17.24 -19.42 14.00
CA SER B 113 15.80 -19.67 14.09
C SER B 113 15.53 -21.04 14.73
N PRO B 114 14.72 -21.08 15.81
CA PRO B 114 14.37 -22.39 16.39
C PRO B 114 13.74 -23.33 15.36
N LEU B 115 12.82 -22.79 14.56
CA LEU B 115 12.28 -23.49 13.37
C LEU B 115 13.17 -23.21 12.14
N ARG B 116 13.77 -24.27 11.58
CA ARG B 116 14.98 -24.15 10.76
C ARG B 116 15.30 -25.52 10.14
N HIS C 12 -7.64 33.18 -0.56
CA HIS C 12 -6.97 32.22 -1.48
C HIS C 12 -7.79 30.94 -1.64
N MSE C 13 -7.83 30.45 -2.86
CA MSE C 13 -8.68 29.34 -3.27
C MSE C 13 -8.09 28.00 -2.81
O MSE C 13 -6.88 27.84 -2.65
CB MSE C 13 -8.79 29.39 -4.79
CG MSE C 13 -9.77 28.48 -5.41
SE MSE C 13 -9.22 28.09 -7.23
CE MSE C 13 -7.65 27.04 -6.95
N ILE C 14 -8.97 27.03 -2.59
CA ILE C 14 -8.51 25.66 -2.38
C ILE C 14 -9.05 24.75 -3.47
N VAL C 15 -8.34 23.65 -3.67
CA VAL C 15 -8.71 22.62 -4.65
C VAL C 15 -8.92 21.26 -3.97
N GLU C 16 -10.07 20.66 -4.25
CA GLU C 16 -10.33 19.26 -3.87
C GLU C 16 -10.11 18.31 -5.04
N GLU C 17 -9.20 17.35 -4.89
CA GLU C 17 -9.02 16.25 -5.82
C GLU C 17 -9.73 15.02 -5.30
N ARG C 18 -10.65 14.49 -6.09
CA ARG C 18 -11.40 13.29 -5.73
C ARG C 18 -11.00 12.17 -6.69
N ILE C 19 -10.75 10.98 -6.14
CA ILE C 19 -10.15 9.88 -6.89
C ILE C 19 -10.93 8.60 -6.65
N TYR C 20 -11.55 8.10 -7.71
CA TYR C 20 -12.40 6.93 -7.64
C TYR C 20 -11.80 5.80 -8.48
N ARG C 21 -11.91 4.57 -7.98
CA ARG C 21 -11.62 3.35 -8.72
C ARG C 21 -12.98 2.75 -9.06
N ILE C 22 -13.23 2.56 -10.34
CA ILE C 22 -14.50 2.06 -10.86
C ILE C 22 -14.42 0.55 -11.05
N ARG C 23 -15.51 -0.16 -10.77
CA ARG C 23 -15.55 -1.60 -10.90
C ARG C 23 -15.19 -1.98 -12.34
N GLY C 24 -14.47 -3.07 -12.52
CA GLY C 24 -14.06 -3.54 -13.86
C GLY C 24 -15.23 -3.73 -14.82
N GLY C 25 -15.13 -3.19 -16.03
CA GLY C 25 -16.19 -3.26 -17.02
C GLY C 25 -17.31 -2.23 -16.88
N LYS C 26 -17.23 -1.36 -15.88
CA LYS C 26 -18.30 -0.40 -15.60
C LYS C 26 -17.98 1.07 -15.96
N MSE C 27 -16.83 1.30 -16.56
CA MSE C 27 -16.35 2.67 -16.78
C MSE C 27 -17.24 3.46 -17.71
O MSE C 27 -17.65 4.57 -17.38
CB MSE C 27 -14.92 2.64 -17.35
CG MSE C 27 -14.30 4.01 -17.54
SE MSE C 27 -14.26 5.10 -15.91
CE MSE C 27 -13.93 6.60 -16.65
N GLN C 28 -17.52 2.89 -18.88
CA GLN C 28 -18.37 3.55 -19.85
C GLN C 28 -19.74 3.84 -19.26
N GLU C 29 -20.21 2.95 -18.41
CA GLU C 29 -21.50 3.11 -17.77
C GLU C 29 -21.41 4.27 -16.75
N TYR C 30 -20.32 4.29 -15.98
CA TYR C 30 -20.06 5.37 -15.03
C TYR C 30 -20.03 6.71 -15.73
N LEU C 31 -19.28 6.79 -16.83
CA LEU C 31 -19.12 8.04 -17.59
C LEU C 31 -20.43 8.52 -18.19
N LYS C 32 -21.23 7.59 -18.70
CA LYS C 32 -22.55 7.92 -19.21
C LYS C 32 -23.43 8.56 -18.14
N LEU C 33 -23.46 7.98 -16.96
CA LEU C 33 -24.31 8.50 -15.88
C LEU C 33 -23.91 9.93 -15.53
N VAL C 34 -22.61 10.17 -15.36
CA VAL C 34 -22.09 11.51 -15.08
C VAL C 34 -22.34 12.48 -16.25
N ARG C 35 -21.99 12.06 -17.45
CA ARG C 35 -22.10 12.90 -18.63
C ARG C 35 -23.54 13.34 -18.86
N GLU C 36 -24.48 12.40 -18.72
CA GLU C 36 -25.87 12.59 -19.10
C GLU C 36 -26.80 13.03 -17.96
N GLU C 37 -26.49 12.64 -16.71
CA GLU C 37 -27.30 13.00 -15.55
C GLU C 37 -26.56 13.76 -14.43
N GLY C 38 -25.47 13.17 -13.94
CA GLY C 38 -24.82 13.64 -12.73
C GLY C 38 -24.22 15.05 -12.76
N ILE C 39 -23.33 15.31 -13.73
CA ILE C 39 -22.56 16.55 -13.74
C ILE C 39 -23.43 17.79 -13.88
N ALA C 40 -24.60 17.65 -14.52
CA ALA C 40 -25.51 18.80 -14.71
C ALA C 40 -26.14 19.22 -13.38
N ILE C 41 -26.34 18.26 -12.48
CA ILE C 41 -26.82 18.54 -11.12
C ILE C 41 -25.67 19.05 -10.24
N GLN C 42 -24.52 18.40 -10.38
CA GLN C 42 -23.43 18.51 -9.44
C GLN C 42 -22.67 19.84 -9.52
N ALA C 43 -22.32 20.23 -10.74
CA ALA C 43 -21.45 21.39 -10.98
C ALA C 43 -22.04 22.75 -10.63
N PRO C 44 -23.30 23.04 -11.02
CA PRO C 44 -23.89 24.32 -10.57
C PRO C 44 -23.89 24.45 -9.05
N ILE C 45 -24.16 23.36 -8.34
CA ILE C 45 -24.22 23.38 -6.89
C ILE C 45 -22.83 23.49 -6.20
N LEU C 46 -21.88 22.65 -6.61
CA LEU C 46 -20.51 22.75 -6.09
C LEU C 46 -19.81 24.00 -6.59
N GLY C 47 -20.18 24.47 -7.78
CA GLY C 47 -19.81 25.79 -8.27
C GLY C 47 -18.62 25.90 -9.20
N ASN C 48 -17.64 25.01 -9.11
CA ASN C 48 -16.38 25.20 -9.86
C ASN C 48 -15.62 23.90 -10.17
N LEU C 49 -16.20 23.13 -11.10
CA LEU C 49 -15.52 21.97 -11.70
C LEU C 49 -14.30 22.41 -12.49
N ILE C 50 -13.13 21.93 -12.11
CA ILE C 50 -11.89 22.34 -12.76
C ILE C 50 -11.56 21.39 -13.92
N GLY C 51 -11.55 20.10 -13.59
CA GLY C 51 -11.23 19.06 -14.55
C GLY C 51 -11.84 17.72 -14.16
N TYR C 52 -12.02 16.86 -15.16
CA TYR C 52 -12.57 15.53 -14.97
C TYR C 52 -11.81 14.63 -15.93
N PHE C 53 -11.23 13.55 -15.40
CA PHE C 53 -10.22 12.77 -16.13
C PHE C 53 -10.36 11.25 -15.91
N VAL C 54 -10.03 10.48 -16.95
CA VAL C 54 -9.84 9.04 -16.84
C VAL C 54 -8.35 8.72 -16.97
N THR C 55 -7.81 7.93 -16.04
CA THR C 55 -6.40 7.56 -16.11
C THR C 55 -6.16 6.56 -17.26
N ASP C 56 -5.14 6.85 -18.07
CA ASP C 56 -4.74 6.01 -19.18
C ASP C 56 -3.47 5.20 -18.88
N ILE C 57 -2.56 5.81 -18.11
CA ILE C 57 -1.37 5.14 -17.63
C ILE C 57 -1.19 5.46 -16.15
N GLY C 58 -1.23 4.42 -15.34
CA GLY C 58 -1.22 4.54 -13.88
C GLY C 58 -2.19 3.54 -13.29
N PRO C 59 -2.77 3.86 -12.13
CA PRO C 59 -3.84 3.01 -11.64
C PRO C 59 -5.01 3.07 -12.64
N LEU C 60 -5.55 1.93 -13.03
CA LEU C 60 -6.50 1.89 -14.14
C LEU C 60 -7.93 1.75 -13.64
N SER C 61 -8.88 2.01 -14.51
CA SER C 61 -10.30 2.12 -14.14
C SER C 61 -10.44 3.09 -12.97
N GLN C 62 -9.76 4.23 -13.16
CA GLN C 62 -9.68 5.31 -12.20
C GLN C 62 -10.12 6.60 -12.85
N VAL C 63 -10.98 7.34 -12.16
CA VAL C 63 -11.38 8.71 -12.56
C VAL C 63 -10.89 9.70 -11.52
N ILE C 64 -10.46 10.85 -11.98
CA ILE C 64 -10.06 11.90 -11.08
C ILE C 64 -10.88 13.11 -11.42
N HIS C 65 -11.40 13.80 -10.41
CA HIS C 65 -12.08 15.07 -10.63
C HIS C 65 -11.77 16.12 -9.59
N MSE C 66 -11.51 17.33 -10.08
CA MSE C 66 -11.02 18.45 -9.28
C MSE C 66 -12.03 19.60 -9.16
O MSE C 66 -12.63 20.03 -10.13
CB MSE C 66 -9.73 18.97 -9.86
CG MSE C 66 -8.50 18.14 -9.46
SE MSE C 66 -6.76 18.70 -10.38
CE MSE C 66 -6.69 20.56 -9.86
N TRP C 67 -12.21 20.07 -7.93
CA TRP C 67 -13.23 21.04 -7.59
C TRP C 67 -12.58 22.20 -6.89
N GLY C 68 -13.00 23.41 -7.29
CA GLY C 68 -12.51 24.64 -6.70
C GLY C 68 -13.51 25.16 -5.70
N TYR C 69 -12.99 25.62 -4.56
CA TYR C 69 -13.78 26.28 -3.54
C TYR C 69 -13.03 27.48 -2.97
N ALA C 70 -13.77 28.48 -2.51
CA ALA C 70 -13.20 29.65 -1.83
C ALA C 70 -12.63 29.31 -0.45
N SER C 71 -13.28 28.37 0.22
CA SER C 71 -12.90 27.90 1.57
C SER C 71 -13.51 26.54 1.84
N LEU C 72 -13.02 25.88 2.89
CA LEU C 72 -13.55 24.56 3.25
C LEU C 72 -14.96 24.60 3.85
N ASP C 73 -15.30 25.69 4.56
CA ASP C 73 -16.67 25.88 5.05
C ASP C 73 -17.65 26.09 3.89
N ASP C 74 -17.24 26.83 2.86
CA ASP C 74 -17.98 26.96 1.62
C ASP C 74 -18.17 25.57 0.98
N ARG C 75 -17.10 24.79 0.89
CA ARG C 75 -17.17 23.40 0.41
C ARG C 75 -18.23 22.61 1.19
N ALA C 76 -18.23 22.74 2.51
CA ALA C 76 -19.16 21.94 3.31
C ALA C 76 -20.58 22.42 3.06
N GLU C 77 -20.74 23.73 2.90
CA GLU C 77 -22.06 24.27 2.66
C GLU C 77 -22.61 23.77 1.32
N ARG C 78 -21.75 23.78 0.29
CA ARG C 78 -22.17 23.39 -1.07
C ARG C 78 -22.34 21.88 -1.16
N ARG C 79 -21.38 21.12 -0.63
CA ARG C 79 -21.54 19.68 -0.62
C ARG C 79 -22.78 19.23 0.16
N GLY C 80 -23.14 19.98 1.20
CA GLY C 80 -24.34 19.69 1.98
C GLY C 80 -25.61 19.92 1.16
N LYS C 81 -25.58 20.98 0.34
CA LYS C 81 -26.68 21.29 -0.56
C LYS C 81 -26.84 20.21 -1.61
N LEU C 82 -25.72 19.72 -2.16
CA LEU C 82 -25.77 18.64 -3.14
C LEU C 82 -26.49 17.44 -2.54
N ALA C 83 -26.08 17.07 -1.33
CA ALA C 83 -26.62 15.90 -0.61
C ALA C 83 -28.12 15.99 -0.36
N GLU C 84 -28.61 17.21 -0.19
CA GLU C 84 -30.03 17.45 0.08
C GLU C 84 -30.90 17.56 -1.18
N ASP C 85 -30.27 17.64 -2.35
CA ASP C 85 -30.99 17.89 -3.59
C ASP C 85 -31.71 16.61 -4.07
N GLN C 86 -33.04 16.69 -4.24
CA GLN C 86 -33.90 15.56 -4.69
C GLN C 86 -33.32 14.80 -5.89
N ARG C 87 -32.80 15.54 -6.86
CA ARG C 87 -32.30 14.92 -8.09
C ARG C 87 -31.03 14.13 -7.85
N TRP C 88 -30.13 14.69 -7.04
CA TRP C 88 -28.93 13.98 -6.67
C TRP C 88 -29.30 12.72 -5.93
N GLN C 89 -30.22 12.83 -4.99
CA GLN C 89 -30.58 11.72 -4.14
C GLN C 89 -31.17 10.55 -4.95
N ALA C 90 -31.92 10.84 -6.00
CA ALA C 90 -32.44 9.78 -6.90
C ALA C 90 -31.35 9.25 -7.84
N PHE C 91 -30.27 10.01 -7.98
CA PHE C 91 -29.20 9.68 -8.91
C PHE C 91 -28.04 8.89 -8.29
N ILE C 92 -27.45 9.43 -7.22
CA ILE C 92 -26.20 8.92 -6.64
C ILE C 92 -26.19 7.39 -6.31
N PRO C 93 -27.34 6.83 -5.88
CA PRO C 93 -27.28 5.38 -5.62
C PRO C 93 -26.91 4.54 -6.84
N ARG C 94 -27.29 4.99 -8.04
CA ARG C 94 -26.94 4.29 -9.28
C ARG C 94 -25.48 4.49 -9.65
N LEU C 95 -24.89 5.62 -9.28
CA LEU C 95 -23.46 5.81 -9.51
C LEU C 95 -22.63 5.06 -8.47
N SER C 96 -23.03 5.13 -7.19
CA SER C 96 -22.25 4.57 -6.06
C SER C 96 -22.03 3.05 -6.10
N VAL C 97 -22.99 2.34 -6.70
CA VAL C 97 -22.86 0.91 -6.89
C VAL C 97 -21.68 0.55 -7.84
N LEU C 98 -21.25 1.50 -8.67
CA LEU C 98 -20.17 1.28 -9.64
C LEU C 98 -18.79 1.63 -9.10
N ILE C 99 -18.76 2.28 -7.94
CA ILE C 99 -17.51 2.73 -7.36
C ILE C 99 -16.98 1.60 -6.47
N GLU C 100 -15.80 1.11 -6.79
CA GLU C 100 -15.18 0.07 -5.97
C GLU C 100 -14.46 0.71 -4.77
N SER C 101 -13.83 1.87 -5.00
CA SER C 101 -13.10 2.55 -3.94
C SER C 101 -13.03 4.04 -4.18
N SER C 102 -12.83 4.85 -3.14
CA SER C 102 -12.67 6.30 -3.29
C SER C 102 -11.80 6.97 -2.22
N GLU C 103 -11.31 8.16 -2.55
CA GLU C 103 -10.52 8.94 -1.64
C GLU C 103 -10.46 10.40 -2.13
N ASN C 104 -10.08 11.30 -1.25
CA ASN C 104 -9.89 12.67 -1.64
C ASN C 104 -8.80 13.32 -0.80
N ARG C 105 -8.41 14.50 -1.25
CA ARG C 105 -7.45 15.30 -0.54
C ARG C 105 -7.67 16.76 -0.92
N ILE C 106 -7.14 17.66 -0.08
CA ILE C 106 -7.32 19.09 -0.26
C ILE C 106 -5.95 19.64 -0.60
N LEU C 107 -5.86 20.23 -1.79
CA LEU C 107 -4.63 20.82 -2.35
C LEU C 107 -4.58 22.33 -2.21
N LEU C 108 -3.45 22.85 -1.77
CA LEU C 108 -3.30 24.28 -1.67
C LEU C 108 -2.36 24.79 -2.77
N PRO C 109 -2.89 25.55 -3.73
CA PRO C 109 -2.02 26.02 -4.80
C PRO C 109 -0.84 26.81 -4.25
N THR C 110 0.32 26.69 -4.91
CA THR C 110 1.47 27.53 -4.59
C THR C 110 1.32 28.90 -5.22
N ASP C 111 2.17 29.84 -4.82
CA ASP C 111 2.13 31.18 -5.37
C ASP C 111 2.69 31.27 -6.81
N PHE C 112 3.13 30.14 -7.36
CA PHE C 112 3.55 30.08 -8.76
C PHE C 112 2.70 29.11 -9.57
N SER C 113 1.51 28.77 -9.06
CA SER C 113 0.63 27.81 -9.71
C SER C 113 -0.33 28.55 -10.63
N PRO C 114 -0.36 28.21 -11.93
CA PRO C 114 -1.31 28.86 -12.82
C PRO C 114 -2.76 28.82 -12.34
N LEU C 115 -3.12 27.78 -11.63
CA LEU C 115 -4.43 27.66 -11.04
C LEU C 115 -4.28 28.05 -9.58
N ARG C 116 -4.75 29.24 -9.21
CA ARG C 116 -4.65 29.70 -7.83
C ARG C 116 -5.59 30.88 -7.55
N MSE D 13 -5.67 16.75 -26.12
CA MSE D 13 -4.70 17.16 -25.06
C MSE D 13 -4.62 16.15 -23.89
O MSE D 13 -5.60 15.54 -23.47
CB MSE D 13 -5.02 18.55 -24.51
CG MSE D 13 -3.87 19.20 -23.70
SE MSE D 13 -4.40 20.52 -22.28
CE MSE D 13 -5.61 19.39 -21.16
N ILE D 14 -3.41 16.04 -23.37
CA ILE D 14 -3.01 15.11 -22.34
C ILE D 14 -2.69 15.88 -21.06
N VAL D 15 -3.00 15.30 -19.92
CA VAL D 15 -2.53 15.84 -18.64
C VAL D 15 -1.65 14.84 -17.91
N GLU D 16 -0.43 15.24 -17.57
CA GLU D 16 0.43 14.44 -16.70
C GLU D 16 0.33 15.02 -15.28
N GLU D 17 0.05 14.13 -14.32
CA GLU D 17 0.07 14.46 -12.89
C GLU D 17 1.28 13.79 -12.28
N ARG D 18 2.16 14.61 -11.70
CA ARG D 18 3.34 14.15 -10.97
C ARG D 18 3.13 14.43 -9.48
N ILE D 19 3.43 13.43 -8.66
CA ILE D 19 3.07 13.42 -7.24
C ILE D 19 4.31 13.03 -6.47
N TYR D 20 4.81 13.96 -5.66
CA TYR D 20 6.08 13.78 -4.96
C TYR D 20 5.78 13.77 -3.48
N ARG D 21 6.50 12.92 -2.74
CA ARG D 21 6.57 13.01 -1.29
C ARG D 21 7.93 13.62 -0.99
N ILE D 22 7.93 14.66 -0.16
CA ILE D 22 9.13 15.43 0.16
C ILE D 22 9.63 14.99 1.52
N ARG D 23 10.94 14.85 1.65
CA ARG D 23 11.55 14.52 2.95
C ARG D 23 11.05 15.45 4.02
N GLY D 24 10.85 14.91 5.22
CA GLY D 24 10.31 15.68 6.33
C GLY D 24 11.19 16.87 6.63
N GLY D 25 10.58 18.04 6.79
CA GLY D 25 11.29 19.29 7.07
C GLY D 25 11.80 20.05 5.87
N LYS D 26 11.74 19.45 4.67
CA LYS D 26 12.34 20.05 3.47
C LYS D 26 11.37 20.76 2.49
N MSE D 27 10.09 20.88 2.87
CA MSE D 27 9.08 21.43 1.99
C MSE D 27 9.36 22.84 1.55
O MSE D 27 9.38 23.15 0.36
CB MSE D 27 7.67 21.38 2.64
CG MSE D 27 6.50 21.78 1.68
SE MSE D 27 6.49 20.67 0.02
CE MSE D 27 6.93 21.68 -1.14
N GLN D 28 9.58 23.73 2.52
CA GLN D 28 9.90 25.12 2.21
C GLN D 28 11.13 25.26 1.31
N GLU D 29 12.15 24.43 1.55
CA GLU D 29 13.35 24.42 0.71
C GLU D 29 13.01 23.97 -0.73
N TYR D 30 12.21 22.90 -0.84
CA TYR D 30 11.71 22.45 -2.15
C TYR D 30 10.97 23.60 -2.90
N LEU D 31 10.10 24.33 -2.21
CA LEU D 31 9.29 25.35 -2.88
C LEU D 31 10.11 26.58 -3.25
N LYS D 32 11.07 26.92 -2.40
CA LYS D 32 11.98 28.02 -2.62
C LYS D 32 12.80 27.74 -3.89
N LEU D 33 13.43 26.56 -3.95
CA LEU D 33 14.21 26.16 -5.14
C LEU D 33 13.41 26.31 -6.45
N VAL D 34 12.17 25.80 -6.44
CA VAL D 34 11.33 25.80 -7.63
C VAL D 34 10.82 27.19 -7.94
N ARG D 35 10.37 27.88 -6.89
CA ARG D 35 9.88 29.26 -7.03
C ARG D 35 10.90 30.24 -7.63
N GLU D 36 12.13 30.19 -7.13
CA GLU D 36 13.15 31.19 -7.49
C GLU D 36 14.03 30.80 -8.67
N GLU D 37 14.00 29.53 -9.04
CA GLU D 37 14.97 29.01 -10.00
C GLU D 37 14.38 27.98 -10.94
N GLY D 38 13.70 26.99 -10.39
CA GLY D 38 13.29 25.83 -11.15
C GLY D 38 12.25 26.11 -12.21
N ILE D 39 11.12 26.67 -11.79
CA ILE D 39 9.94 26.76 -12.63
C ILE D 39 10.16 27.72 -13.81
N ALA D 40 11.04 28.70 -13.64
CA ALA D 40 11.43 29.62 -14.72
C ALA D 40 12.22 28.91 -15.83
N ILE D 41 12.95 27.86 -15.48
CA ILE D 41 13.59 27.03 -16.48
C ILE D 41 12.58 26.08 -17.09
N GLN D 42 11.83 25.41 -16.22
CA GLN D 42 11.02 24.25 -16.57
C GLN D 42 9.79 24.57 -17.41
N ALA D 43 9.00 25.54 -16.99
CA ALA D 43 7.70 25.78 -17.62
C ALA D 43 7.79 26.14 -19.11
N PRO D 44 8.67 27.09 -19.47
CA PRO D 44 8.82 27.39 -20.91
C PRO D 44 9.12 26.16 -21.78
N ILE D 45 10.01 25.29 -21.31
CA ILE D 45 10.44 24.11 -22.06
C ILE D 45 9.37 23.02 -22.08
N LEU D 46 8.69 22.82 -20.96
CA LEU D 46 7.62 21.82 -20.90
C LEU D 46 6.33 22.34 -21.51
N GLY D 47 6.06 23.64 -21.36
CA GLY D 47 5.11 24.35 -22.22
C GLY D 47 3.73 24.69 -21.69
N ASN D 48 3.21 23.88 -20.77
CA ASN D 48 1.84 24.06 -20.28
C ASN D 48 1.65 23.54 -18.86
N LEU D 49 2.25 24.25 -17.89
CA LEU D 49 1.96 24.03 -16.47
C LEU D 49 0.48 24.33 -16.22
N ILE D 50 -0.24 23.36 -15.66
CA ILE D 50 -1.67 23.54 -15.35
C ILE D 50 -1.83 23.96 -13.89
N GLY D 51 -1.16 23.25 -12.99
CA GLY D 51 -1.25 23.52 -11.57
C GLY D 51 -0.04 23.03 -10.81
N TYR D 52 0.13 23.59 -9.61
CA TYR D 52 1.22 23.22 -8.71
C TYR D 52 0.72 23.36 -7.27
N PHE D 53 0.67 22.27 -6.53
CA PHE D 53 -0.03 22.27 -5.25
C PHE D 53 0.76 21.58 -4.13
N VAL D 54 0.46 21.98 -2.89
CA VAL D 54 0.90 21.27 -1.70
C VAL D 54 -0.34 20.76 -0.98
N THR D 55 -0.32 19.50 -0.58
CA THR D 55 -1.47 18.87 0.05
C THR D 55 -1.60 19.35 1.49
N ASP D 56 -2.81 19.77 1.86
CA ASP D 56 -3.05 20.25 3.22
C ASP D 56 -3.76 19.17 4.07
N ILE D 57 -4.59 18.37 3.41
CA ILE D 57 -5.31 17.28 4.01
C ILE D 57 -5.25 16.09 3.08
N GLY D 58 -4.52 15.07 3.49
CA GLY D 58 -4.39 13.81 2.77
C GLY D 58 -2.99 13.27 3.05
N PRO D 59 -2.36 12.67 2.05
CA PRO D 59 -0.96 12.33 2.28
C PRO D 59 -0.19 13.62 2.45
N LEU D 60 0.60 13.72 3.52
CA LEU D 60 1.28 14.95 3.83
C LEU D 60 2.75 15.01 3.37
N SER D 61 3.34 16.20 3.46
CA SER D 61 4.62 16.51 2.83
C SER D 61 4.54 16.03 1.39
N GLN D 62 3.51 16.49 0.68
CA GLN D 62 3.20 16.02 -0.65
C GLN D 62 3.00 17.20 -1.60
N VAL D 63 3.63 17.11 -2.77
CA VAL D 63 3.58 18.14 -3.80
C VAL D 63 2.96 17.48 -5.00
N ILE D 64 2.10 18.22 -5.69
CA ILE D 64 1.47 17.71 -6.91
C ILE D 64 1.54 18.74 -8.00
N HIS D 65 2.05 18.36 -9.18
CA HIS D 65 2.04 19.27 -10.30
C HIS D 65 1.51 18.61 -11.56
N MSE D 66 0.68 19.37 -12.28
CA MSE D 66 0.02 18.93 -13.50
C MSE D 66 0.55 19.66 -14.74
O MSE D 66 0.73 20.88 -14.73
CB MSE D 66 -1.47 19.17 -13.37
CG MSE D 66 -2.21 18.02 -12.74
SE MSE D 66 -4.07 18.57 -12.27
CE MSE D 66 -4.76 18.63 -14.07
N TRP D 67 0.78 18.91 -15.81
CA TRP D 67 1.38 19.41 -17.06
C TRP D 67 0.58 18.98 -18.27
N GLY D 68 0.29 19.94 -19.14
CA GLY D 68 -0.54 19.69 -20.32
C GLY D 68 0.36 19.43 -21.50
N TYR D 69 -0.02 18.46 -22.32
CA TYR D 69 0.70 18.16 -23.55
C TYR D 69 -0.27 17.84 -24.71
N ALA D 70 0.17 18.14 -25.93
CA ALA D 70 -0.55 17.81 -27.14
C ALA D 70 -0.56 16.31 -27.43
N SER D 71 0.52 15.62 -27.06
CA SER D 71 0.62 14.16 -27.17
C SER D 71 1.78 13.68 -26.31
N LEU D 72 1.90 12.37 -26.15
CA LEU D 72 2.98 11.79 -25.32
C LEU D 72 4.34 11.82 -26.01
N ASP D 73 4.34 11.76 -27.35
CA ASP D 73 5.59 11.95 -28.09
C ASP D 73 6.12 13.36 -27.92
N ASP D 74 5.19 14.33 -27.91
CA ASP D 74 5.58 15.71 -27.64
C ASP D 74 6.20 15.84 -26.25
N ARG D 75 5.52 15.27 -25.24
CA ARG D 75 6.03 15.21 -23.88
C ARG D 75 7.45 14.64 -23.79
N ALA D 76 7.67 13.49 -24.43
CA ALA D 76 8.98 12.80 -24.41
C ALA D 76 10.10 13.68 -24.99
N GLU D 77 9.77 14.38 -26.07
CA GLU D 77 10.69 15.31 -26.72
C GLU D 77 10.96 16.49 -25.79
N ARG D 78 9.91 17.05 -25.20
CA ARG D 78 10.05 18.26 -24.38
C ARG D 78 10.78 17.97 -23.08
N ARG D 79 10.42 16.88 -22.40
CA ARG D 79 11.16 16.43 -21.21
C ARG D 79 12.60 16.02 -21.57
N GLY D 80 12.79 15.59 -22.82
CA GLY D 80 14.13 15.35 -23.35
C GLY D 80 14.96 16.63 -23.42
N LYS D 81 14.43 17.65 -24.10
CA LYS D 81 15.03 19.00 -24.10
C LYS D 81 15.37 19.47 -22.68
N LEU D 82 14.44 19.29 -21.73
CA LEU D 82 14.62 19.75 -20.35
C LEU D 82 15.85 19.14 -19.66
N ALA D 83 15.98 17.83 -19.80
CA ALA D 83 17.10 17.07 -19.22
C ALA D 83 18.45 17.41 -19.84
N GLU D 84 18.44 17.96 -21.06
CA GLU D 84 19.67 18.42 -21.72
C GLU D 84 19.95 19.90 -21.48
N ASP D 85 19.03 20.60 -20.84
CA ASP D 85 19.23 22.01 -20.55
C ASP D 85 20.30 22.21 -19.47
N GLN D 86 21.30 23.03 -19.79
CA GLN D 86 22.44 23.32 -18.90
C GLN D 86 22.01 23.88 -17.53
N ARG D 87 21.18 24.90 -17.54
CA ARG D 87 20.60 25.44 -16.32
C ARG D 87 19.87 24.39 -15.48
N TRP D 88 19.16 23.48 -16.13
CA TRP D 88 18.36 22.47 -15.41
C TRP D 88 19.29 21.41 -14.82
N GLN D 89 20.32 21.02 -15.57
CA GLN D 89 21.37 20.15 -15.04
C GLN D 89 22.14 20.75 -13.84
N ALA D 90 22.15 22.08 -13.75
CA ALA D 90 22.74 22.75 -12.61
C ALA D 90 21.79 22.80 -11.42
N PHE D 91 20.50 22.61 -11.67
CA PHE D 91 19.47 22.78 -10.64
C PHE D 91 18.95 21.46 -10.09
N ILE D 92 18.68 20.50 -10.98
CA ILE D 92 17.92 19.31 -10.59
C ILE D 92 18.56 18.46 -9.46
N PRO D 93 19.88 18.37 -9.37
CA PRO D 93 20.39 17.58 -8.23
C PRO D 93 19.99 18.13 -6.84
N ARG D 94 19.94 19.44 -6.70
CA ARG D 94 19.52 20.08 -5.45
C ARG D 94 18.05 19.82 -5.16
N LEU D 95 17.22 19.79 -6.20
CA LEU D 95 15.83 19.48 -5.99
C LEU D 95 15.65 17.98 -5.70
N SER D 96 16.26 17.15 -6.52
CA SER D 96 16.09 15.70 -6.47
C SER D 96 16.44 15.05 -5.12
N VAL D 97 17.48 15.56 -4.47
CA VAL D 97 17.86 15.01 -3.17
C VAL D 97 16.75 15.16 -2.11
N LEU D 98 15.82 16.08 -2.34
CA LEU D 98 14.75 16.38 -1.39
C LEU D 98 13.52 15.50 -1.55
N ILE D 99 13.47 14.77 -2.67
CA ILE D 99 12.28 13.97 -3.01
C ILE D 99 12.47 12.54 -2.48
N GLU D 100 11.60 12.15 -1.56
CA GLU D 100 11.68 10.84 -0.91
C GLU D 100 11.02 9.75 -1.78
N SER D 101 9.94 10.08 -2.46
CA SER D 101 9.38 9.16 -3.43
C SER D 101 8.63 9.96 -4.44
N SER D 102 8.37 9.34 -5.60
CA SER D 102 7.64 10.00 -6.66
C SER D 102 6.88 9.02 -7.54
N GLU D 103 5.91 9.57 -8.25
CA GLU D 103 5.09 8.80 -9.16
C GLU D 103 4.38 9.78 -10.07
N ASN D 104 3.91 9.25 -11.20
CA ASN D 104 3.15 10.03 -12.15
C ASN D 104 2.12 9.17 -12.85
N ARG D 105 1.25 9.83 -13.60
CA ARG D 105 0.22 9.15 -14.37
C ARG D 105 -0.26 10.06 -15.49
N ILE D 106 -0.90 9.43 -16.48
CA ILE D 106 -1.46 10.16 -17.61
C ILE D 106 -2.99 10.15 -17.55
N LEU D 107 -3.55 11.35 -17.66
CA LEU D 107 -4.97 11.60 -17.46
C LEU D 107 -5.54 12.12 -18.73
N LEU D 108 -6.66 11.52 -19.15
CA LEU D 108 -7.36 11.93 -20.38
C LEU D 108 -8.65 12.62 -19.97
N PRO D 109 -8.74 13.94 -20.23
CA PRO D 109 -9.96 14.64 -19.86
C PRO D 109 -11.19 14.06 -20.56
N THR D 110 -12.31 14.00 -19.85
CA THR D 110 -13.56 13.58 -20.47
C THR D 110 -14.10 14.66 -21.39
N ASP D 111 -15.09 14.30 -22.19
CA ASP D 111 -15.70 15.26 -23.09
C ASP D 111 -16.56 16.30 -22.34
N PHE D 112 -16.73 16.14 -21.04
CA PHE D 112 -17.46 17.15 -20.24
C PHE D 112 -16.55 17.82 -19.22
N SER D 113 -15.24 17.68 -19.37
CA SER D 113 -14.24 18.32 -18.50
C SER D 113 -13.95 19.72 -19.01
N PRO D 114 -14.18 20.74 -18.18
CA PRO D 114 -13.85 22.10 -18.56
C PRO D 114 -12.44 22.22 -19.08
N LEU D 115 -11.49 21.66 -18.35
CA LEU D 115 -10.10 21.59 -18.83
C LEU D 115 -9.98 20.39 -19.78
N ARG D 116 -9.70 20.66 -21.05
CA ARG D 116 -9.91 19.67 -22.11
C ARG D 116 -8.90 19.82 -23.23
N MSE E 13 -4.65 2.65 30.54
CA MSE E 13 -5.69 2.53 29.48
C MSE E 13 -5.08 2.44 28.09
O MSE E 13 -4.12 3.14 27.78
CB MSE E 13 -6.67 3.71 29.52
CG MSE E 13 -7.83 3.59 28.53
SE MSE E 13 -8.57 5.31 27.91
CE MSE E 13 -7.31 5.88 26.62
N ILE E 14 -5.67 1.58 27.26
CA ILE E 14 -5.30 1.41 25.86
C ILE E 14 -6.53 1.73 25.00
N VAL E 15 -6.26 2.17 23.77
CA VAL E 15 -7.30 2.47 22.80
C VAL E 15 -7.12 1.64 21.55
N GLU E 16 -8.15 0.86 21.24
CA GLU E 16 -8.19 0.13 19.97
C GLU E 16 -8.85 0.99 18.91
N GLU E 17 -8.12 1.23 17.82
CA GLU E 17 -8.69 1.89 16.64
C GLU E 17 -9.08 0.87 15.56
N ARG E 18 -10.37 0.79 15.28
CA ARG E 18 -10.91 -0.05 14.20
C ARG E 18 -11.30 0.83 13.02
N ILE E 19 -10.85 0.42 11.83
CA ILE E 19 -10.96 1.24 10.63
C ILE E 19 -11.56 0.39 9.54
N TYR E 20 -12.78 0.72 9.12
CA TYR E 20 -13.46 -0.07 8.11
C TYR E 20 -13.60 0.75 6.83
N ARG E 21 -13.48 0.07 5.69
CA ARG E 21 -13.93 0.59 4.41
C ARG E 21 -15.29 -0.05 4.08
N ILE E 22 -16.29 0.77 3.79
CA ILE E 22 -17.63 0.28 3.50
C ILE E 22 -17.85 0.26 1.99
N ARG E 23 -18.64 -0.70 1.52
CA ARG E 23 -18.98 -0.83 0.08
C ARG E 23 -19.60 0.44 -0.45
N GLY E 24 -19.19 0.83 -1.64
CA GLY E 24 -19.77 2.00 -2.29
C GLY E 24 -21.30 2.02 -2.24
N GLY E 25 -21.85 3.09 -1.68
CA GLY E 25 -23.28 3.32 -1.69
C GLY E 25 -23.99 2.80 -0.45
N LYS E 26 -23.28 2.05 0.38
CA LYS E 26 -23.90 1.38 1.53
C LYS E 26 -23.62 2.08 2.87
N MSE E 27 -23.08 3.29 2.83
CA MSE E 27 -22.71 4.01 4.04
C MSE E 27 -23.89 4.33 4.95
O MSE E 27 -23.82 4.20 6.16
CB MSE E 27 -21.97 5.31 3.69
CG MSE E 27 -21.36 6.06 4.89
SE MSE E 27 -20.27 4.86 6.11
CE MSE E 27 -20.48 5.66 7.57
N GLN E 28 -25.00 4.80 4.36
CA GLN E 28 -26.13 5.21 5.16
C GLN E 28 -26.75 4.00 5.79
N GLU E 29 -26.71 2.91 5.03
CA GLU E 29 -27.26 1.64 5.46
C GLU E 29 -26.51 1.12 6.67
N TYR E 30 -25.18 1.08 6.55
CA TYR E 30 -24.28 0.70 7.64
C TYR E 30 -24.57 1.52 8.92
N LEU E 31 -24.62 2.83 8.78
CA LEU E 31 -24.83 3.71 9.92
C LEU E 31 -26.20 3.49 10.58
N LYS E 32 -27.23 3.28 9.74
CA LYS E 32 -28.57 2.93 10.21
C LYS E 32 -28.56 1.65 11.07
N LEU E 33 -27.99 0.57 10.54
CA LEU E 33 -27.80 -0.67 11.32
C LEU E 33 -27.12 -0.40 12.67
N VAL E 34 -25.95 0.26 12.65
CA VAL E 34 -25.23 0.56 13.90
C VAL E 34 -26.06 1.47 14.82
N ARG E 35 -26.53 2.60 14.29
CA ARG E 35 -27.27 3.56 15.09
C ARG E 35 -28.44 2.92 15.84
N GLU E 36 -29.25 2.16 15.10
CA GLU E 36 -30.53 1.68 15.58
C GLU E 36 -30.49 0.33 16.28
N GLU E 37 -29.47 -0.48 15.99
CA GLU E 37 -29.36 -1.82 16.58
C GLU E 37 -28.00 -2.15 17.18
N GLY E 38 -26.95 -1.92 16.41
CA GLY E 38 -25.62 -2.41 16.79
C GLY E 38 -25.02 -1.79 18.05
N ILE E 39 -24.97 -0.46 18.08
CA ILE E 39 -24.28 0.24 19.14
C ILE E 39 -24.93 -0.02 20.51
N ALA E 40 -26.26 -0.18 20.54
CA ALA E 40 -26.99 -0.57 21.77
C ALA E 40 -26.56 -1.90 22.32
N ILE E 41 -26.16 -2.82 21.44
CA ILE E 41 -25.70 -4.14 21.87
C ILE E 41 -24.22 -4.07 22.21
N GLN E 42 -23.45 -3.50 21.30
CA GLN E 42 -22.01 -3.53 21.37
C GLN E 42 -21.43 -2.74 22.55
N ALA E 43 -21.99 -1.55 22.79
CA ALA E 43 -21.33 -0.58 23.67
C ALA E 43 -21.33 -0.98 25.16
N PRO E 44 -22.47 -1.44 25.67
CA PRO E 44 -22.48 -1.90 27.05
C PRO E 44 -21.53 -3.06 27.34
N ILE E 45 -21.41 -3.99 26.41
CA ILE E 45 -20.55 -5.17 26.57
C ILE E 45 -19.06 -4.78 26.51
N LEU E 46 -18.70 -3.98 25.52
CA LEU E 46 -17.30 -3.59 25.32
C LEU E 46 -16.86 -2.57 26.35
N GLY E 47 -17.80 -1.73 26.79
CA GLY E 47 -17.62 -0.91 27.96
C GLY E 47 -17.44 0.55 27.68
N ASN E 48 -16.51 0.89 26.78
CA ASN E 48 -16.00 2.26 26.65
C ASN E 48 -15.74 2.75 25.23
N LEU E 49 -16.81 2.84 24.45
CA LEU E 49 -16.77 3.56 23.18
C LEU E 49 -16.19 4.96 23.41
N ILE E 50 -15.16 5.33 22.66
CA ILE E 50 -14.56 6.65 22.76
C ILE E 50 -15.10 7.57 21.65
N GLY E 51 -15.16 7.07 20.42
CA GLY E 51 -15.66 7.84 19.29
C GLY E 51 -16.05 6.94 18.14
N TYR E 52 -16.87 7.48 17.26
CA TYR E 52 -17.36 6.80 16.07
C TYR E 52 -17.44 7.86 14.95
N PHE E 53 -16.73 7.63 13.86
CA PHE E 53 -16.46 8.69 12.85
C PHE E 53 -16.62 8.16 11.44
N VAL E 54 -17.12 9.05 10.54
CA VAL E 54 -17.16 8.83 9.10
C VAL E 54 -16.20 9.82 8.44
N THR E 55 -15.22 9.31 7.69
CA THR E 55 -14.24 10.18 7.03
C THR E 55 -14.83 11.06 5.90
N ASP E 56 -14.51 12.34 5.95
CA ASP E 56 -14.97 13.30 4.95
C ASP E 56 -13.86 13.75 3.99
N ILE E 57 -12.63 13.79 4.49
CA ILE E 57 -11.47 14.12 3.68
C ILE E 57 -10.38 13.12 4.01
N GLY E 58 -9.96 12.36 3.01
CA GLY E 58 -8.99 11.30 3.18
C GLY E 58 -9.45 10.05 2.44
N PRO E 59 -9.12 8.87 2.98
CA PRO E 59 -9.71 7.67 2.42
C PRO E 59 -11.20 7.78 2.65
N LEU E 60 -12.00 7.57 1.61
CA LEU E 60 -13.43 7.79 1.68
C LEU E 60 -14.19 6.48 1.82
N SER E 61 -15.48 6.61 2.06
CA SER E 61 -16.33 5.47 2.47
C SER E 61 -15.66 4.73 3.63
N GLN E 62 -15.11 5.51 4.57
CA GLN E 62 -14.31 5.05 5.69
C GLN E 62 -15.00 5.38 7.02
N VAL E 63 -15.16 4.37 7.85
CA VAL E 63 -15.69 4.49 9.20
C VAL E 63 -14.55 4.19 10.15
N ILE E 64 -14.42 4.97 11.20
CA ILE E 64 -13.40 4.74 12.22
C ILE E 64 -14.09 4.74 13.57
N HIS E 65 -13.83 3.73 14.40
CA HIS E 65 -14.34 3.75 15.77
C HIS E 65 -13.27 3.32 16.76
N MSE E 66 -13.31 3.95 17.92
CA MSE E 66 -12.31 3.80 18.96
C MSE E 66 -12.94 3.31 20.25
O MSE E 66 -14.04 3.77 20.63
CB MSE E 66 -11.65 5.13 19.24
CG MSE E 66 -10.45 5.41 18.36
SE MSE E 66 -9.83 7.29 18.42
CE MSE E 66 -9.96 7.82 20.21
N TRP E 67 -12.23 2.40 20.90
CA TRP E 67 -12.70 1.71 22.09
C TRP E 67 -11.60 1.68 23.12
N GLY E 68 -11.93 2.02 24.35
CA GLY E 68 -10.96 2.00 25.45
C GLY E 68 -11.08 0.72 26.25
N TYR E 69 -9.94 0.28 26.78
CA TYR E 69 -9.86 -0.93 27.58
C TYR E 69 -8.78 -0.75 28.64
N ALA E 70 -8.89 -1.54 29.70
CA ALA E 70 -7.90 -1.55 30.78
C ALA E 70 -6.61 -2.28 30.37
N SER E 71 -6.76 -3.30 29.52
CA SER E 71 -5.66 -4.15 29.10
C SER E 71 -6.12 -4.92 27.89
N LEU E 72 -5.18 -5.63 27.26
CA LEU E 72 -5.52 -6.48 26.13
C LEU E 72 -6.27 -7.75 26.54
N ASP E 73 -6.01 -8.24 27.74
CA ASP E 73 -6.80 -9.32 28.34
C ASP E 73 -8.26 -8.87 28.48
N ASP E 74 -8.44 -7.72 29.11
CA ASP E 74 -9.78 -7.14 29.30
C ASP E 74 -10.56 -7.01 27.97
N ARG E 75 -9.90 -6.48 26.95
CA ARG E 75 -10.47 -6.42 25.60
C ARG E 75 -10.91 -7.79 25.09
N ALA E 76 -9.99 -8.76 25.17
CA ALA E 76 -10.24 -10.14 24.71
C ALA E 76 -11.46 -10.75 25.39
N GLU E 77 -11.55 -10.54 26.70
CA GLU E 77 -12.65 -11.04 27.49
C GLU E 77 -13.96 -10.37 27.05
N ARG E 78 -13.95 -9.05 26.89
CA ARG E 78 -15.17 -8.34 26.53
C ARG E 78 -15.62 -8.70 25.13
N ARG E 79 -14.69 -8.78 24.19
CA ARG E 79 -15.01 -9.09 22.80
C ARG E 79 -15.47 -10.53 22.64
N GLY E 80 -14.94 -11.42 23.49
CA GLY E 80 -15.43 -12.78 23.57
C GLY E 80 -16.87 -12.81 24.06
N LYS E 81 -17.18 -12.01 25.07
CA LYS E 81 -18.55 -11.84 25.54
C LYS E 81 -19.45 -11.30 24.41
N LEU E 82 -18.91 -10.39 23.62
CA LEU E 82 -19.70 -9.84 22.53
C LEU E 82 -19.98 -10.92 21.48
N ALA E 83 -18.96 -11.69 21.11
CA ALA E 83 -19.12 -12.78 20.15
C ALA E 83 -20.12 -13.84 20.59
N GLU E 84 -20.26 -14.04 21.91
CA GLU E 84 -21.20 -14.99 22.48
C GLU E 84 -22.63 -14.47 22.65
N ASP E 85 -22.82 -13.18 22.37
CA ASP E 85 -24.11 -12.57 22.64
C ASP E 85 -25.03 -12.82 21.45
N GLN E 86 -26.21 -13.35 21.74
CA GLN E 86 -27.16 -13.82 20.71
C GLN E 86 -27.61 -12.67 19.80
N ARG E 87 -27.83 -11.49 20.37
CA ARG E 87 -28.26 -10.32 19.59
C ARG E 87 -27.17 -9.91 18.61
N TRP E 88 -25.94 -9.81 19.11
CA TRP E 88 -24.79 -9.55 18.26
C TRP E 88 -24.62 -10.58 17.13
N GLN E 89 -24.75 -11.86 17.46
CA GLN E 89 -24.66 -12.91 16.47
C GLN E 89 -25.73 -12.80 15.36
N ALA E 90 -26.94 -12.40 15.72
CA ALA E 90 -27.99 -12.15 14.71
C ALA E 90 -27.71 -10.87 13.90
N PHE E 91 -27.05 -9.91 14.54
CA PHE E 91 -26.83 -8.59 13.94
C PHE E 91 -25.62 -8.54 13.01
N ILE E 92 -24.49 -9.06 13.46
CA ILE E 92 -23.21 -8.83 12.78
C ILE E 92 -23.15 -9.30 11.30
N PRO E 93 -23.84 -10.40 10.94
CA PRO E 93 -23.86 -10.78 9.51
C PRO E 93 -24.46 -9.71 8.59
N ARG E 94 -25.49 -9.03 9.04
CA ARG E 94 -26.07 -7.95 8.26
C ARG E 94 -25.09 -6.78 8.09
N LEU E 95 -24.30 -6.52 9.12
CA LEU E 95 -23.27 -5.47 9.04
C LEU E 95 -22.04 -5.89 8.19
N SER E 96 -21.58 -7.13 8.40
CA SER E 96 -20.40 -7.68 7.68
C SER E 96 -20.47 -7.66 6.14
N VAL E 97 -21.68 -7.79 5.61
CA VAL E 97 -21.86 -7.80 4.16
C VAL E 97 -21.64 -6.40 3.53
N LEU E 98 -21.65 -5.36 4.34
CA LEU E 98 -21.39 -4.00 3.86
C LEU E 98 -19.91 -3.57 4.00
N ILE E 99 -19.11 -4.40 4.66
CA ILE E 99 -17.71 -4.07 4.92
C ILE E 99 -16.84 -4.69 3.84
N GLU E 100 -16.18 -3.84 3.05
CA GLU E 100 -15.26 -4.31 1.99
C GLU E 100 -13.88 -4.68 2.56
N SER E 101 -13.44 -3.95 3.58
CA SER E 101 -12.15 -4.19 4.19
C SER E 101 -12.13 -3.61 5.61
N SER E 102 -11.28 -4.17 6.45
CA SER E 102 -11.12 -3.76 7.84
C SER E 102 -9.70 -4.02 8.38
N GLU E 103 -9.31 -3.19 9.35
CA GLU E 103 -8.05 -3.31 10.05
C GLU E 103 -8.20 -2.69 11.43
N ASN E 104 -7.23 -2.94 12.31
CA ASN E 104 -7.23 -2.32 13.63
C ASN E 104 -5.84 -2.22 14.18
N ARG E 105 -5.73 -1.47 15.28
CA ARG E 105 -4.46 -1.27 15.94
C ARG E 105 -4.66 -0.83 17.36
N ILE E 106 -3.62 -1.01 18.17
CA ILE E 106 -3.66 -0.65 19.58
C ILE E 106 -2.77 0.58 19.81
N LEU E 107 -3.37 1.60 20.44
CA LEU E 107 -2.76 2.88 20.71
C LEU E 107 -2.59 3.07 22.21
N LEU E 108 -1.39 3.46 22.61
CA LEU E 108 -1.10 3.83 23.99
C LEU E 108 -1.09 5.37 24.11
N PRO E 109 -2.05 5.93 24.88
CA PRO E 109 -1.98 7.35 25.17
C PRO E 109 -0.65 7.76 25.80
N THR E 110 -0.11 8.89 25.38
CA THR E 110 1.08 9.45 26.02
C THR E 110 0.69 10.10 27.35
N ASP E 111 1.68 10.46 28.15
CA ASP E 111 1.37 11.09 29.43
C ASP E 111 0.83 12.51 29.31
N PHE E 112 0.84 13.08 28.10
CA PHE E 112 0.28 14.41 27.87
C PHE E 112 -0.96 14.34 26.95
N SER E 113 -1.54 13.16 26.84
CA SER E 113 -2.79 12.99 26.08
C SER E 113 -3.96 13.34 27.00
N PRO E 114 -4.72 14.39 26.66
CA PRO E 114 -5.89 14.70 27.51
C PRO E 114 -6.82 13.49 27.69
N LEU E 115 -6.90 12.64 26.66
CA LEU E 115 -7.50 11.31 26.79
C LEU E 115 -6.40 10.30 27.14
N ARG E 116 -6.38 9.81 28.38
CA ARG E 116 -5.39 8.81 28.77
C ARG E 116 -5.79 7.97 29.98
N HIS F 12 -21.66 20.80 15.75
CA HIS F 12 -21.32 19.57 15.00
C HIS F 12 -19.90 19.08 15.32
N MSE F 13 -18.87 19.91 15.11
CA MSE F 13 -17.43 19.60 15.38
C MSE F 13 -16.77 18.58 14.46
O MSE F 13 -17.30 17.51 14.22
CB MSE F 13 -17.13 19.14 16.83
CG MSE F 13 -15.59 19.10 17.18
SE MSE F 13 -14.94 17.99 18.76
CE MSE F 13 -15.03 16.24 18.07
N ILE F 14 -15.57 18.91 14.00
CA ILE F 14 -14.79 18.03 13.16
C ILE F 14 -13.52 17.61 13.89
N VAL F 15 -13.01 16.42 13.57
CA VAL F 15 -11.76 15.93 14.16
C VAL F 15 -10.73 15.68 13.08
N GLU F 16 -9.56 16.26 13.25
CA GLU F 16 -8.43 15.97 12.40
C GLU F 16 -7.62 14.91 13.09
N GLU F 17 -7.38 13.81 12.38
CA GLU F 17 -6.46 12.78 12.80
C GLU F 17 -5.14 12.94 12.01
N ARG F 18 -4.02 13.05 12.73
CA ARG F 18 -2.68 13.17 12.14
C ARG F 18 -1.88 11.93 12.53
N ILE F 19 -1.37 11.23 11.51
CA ILE F 19 -0.69 9.95 11.66
C ILE F 19 0.73 10.12 11.12
N TYR F 20 1.73 9.94 11.98
CA TYR F 20 3.12 10.16 11.61
C TYR F 20 3.91 8.89 11.76
N ARG F 21 4.81 8.61 10.81
CA ARG F 21 5.84 7.59 10.96
C ARG F 21 7.15 8.25 11.38
N ILE F 22 7.64 7.89 12.55
CA ILE F 22 8.90 8.41 13.08
C ILE F 22 10.05 7.49 12.65
N ARG F 23 11.22 8.08 12.39
CA ARG F 23 12.42 7.34 12.03
C ARG F 23 12.76 6.30 13.09
N GLY F 24 13.27 5.15 12.65
CA GLY F 24 13.75 4.11 13.57
C GLY F 24 14.70 4.61 14.66
N GLY F 25 14.33 4.35 15.91
CA GLY F 25 15.11 4.72 17.07
C GLY F 25 14.88 6.11 17.62
N LYS F 26 14.00 6.89 16.99
CA LYS F 26 13.80 8.29 17.36
C LYS F 26 12.50 8.57 18.10
N MSE F 27 11.74 7.54 18.44
CA MSE F 27 10.46 7.72 19.07
C MSE F 27 10.57 8.49 20.37
O MSE F 27 9.86 9.48 20.56
CB MSE F 27 9.76 6.37 19.32
CG MSE F 27 8.26 6.47 19.79
SE MSE F 27 7.13 7.74 18.72
CE MSE F 27 6.12 8.27 19.98
N GLN F 28 11.44 8.06 21.28
CA GLN F 28 11.59 8.72 22.57
C GLN F 28 12.14 10.13 22.45
N GLU F 29 12.92 10.38 21.40
CA GLU F 29 13.41 11.72 21.13
C GLU F 29 12.27 12.63 20.71
N TYR F 30 11.44 12.13 19.79
CA TYR F 30 10.27 12.84 19.31
C TYR F 30 9.33 13.17 20.46
N LEU F 31 9.07 12.23 21.35
CA LEU F 31 8.13 12.43 22.47
C LEU F 31 8.60 13.50 23.45
N LYS F 32 9.91 13.51 23.70
CA LYS F 32 10.54 14.45 24.61
C LYS F 32 10.37 15.87 24.10
N LEU F 33 10.60 16.07 22.82
CA LEU F 33 10.38 17.38 22.18
C LEU F 33 8.93 17.83 22.35
N VAL F 34 7.99 16.96 22.02
CA VAL F 34 6.56 17.29 22.13
C VAL F 34 6.15 17.51 23.58
N ARG F 35 6.51 16.58 24.47
CA ARG F 35 6.20 16.70 25.89
C ARG F 35 6.72 17.99 26.53
N GLU F 36 7.96 18.36 26.22
CA GLU F 36 8.64 19.43 26.91
C GLU F 36 8.54 20.80 26.25
N GLU F 37 8.20 20.84 24.97
CA GLU F 37 8.16 22.12 24.24
C GLU F 37 6.97 22.27 23.31
N GLY F 38 6.85 21.35 22.38
CA GLY F 38 5.90 21.46 21.30
C GLY F 38 4.48 21.61 21.78
N ILE F 39 4.08 20.78 22.74
CA ILE F 39 2.66 20.68 23.05
C ILE F 39 2.22 21.97 23.78
N ALA F 40 3.10 22.54 24.60
CA ALA F 40 2.80 23.79 25.30
C ALA F 40 2.58 24.99 24.36
N ILE F 41 3.25 24.96 23.21
CA ILE F 41 3.08 25.95 22.17
C ILE F 41 1.80 25.65 21.37
N GLN F 42 1.76 24.45 20.84
CA GLN F 42 0.73 24.03 19.88
C GLN F 42 -0.70 24.03 20.43
N ALA F 43 -0.89 23.48 21.62
CA ALA F 43 -2.23 23.20 22.15
C ALA F 43 -3.13 24.43 22.37
N PRO F 44 -2.60 25.46 23.07
CA PRO F 44 -3.39 26.70 23.24
C PRO F 44 -3.86 27.34 21.92
N ILE F 45 -3.01 27.30 20.92
CA ILE F 45 -3.26 27.94 19.64
C ILE F 45 -4.28 27.15 18.83
N LEU F 46 -4.09 25.83 18.75
CA LEU F 46 -4.95 24.95 17.98
C LEU F 46 -6.28 24.73 18.70
N GLY F 47 -6.25 24.78 20.03
CA GLY F 47 -7.46 24.92 20.82
C GLY F 47 -8.04 23.68 21.50
N ASN F 48 -8.01 22.52 20.86
CA ASN F 48 -8.69 21.34 21.41
C ASN F 48 -7.99 20.01 21.08
N LEU F 49 -6.83 19.79 21.70
CA LEU F 49 -6.15 18.49 21.66
C LEU F 49 -7.05 17.42 22.26
N ILE F 50 -7.47 16.47 21.45
CA ILE F 50 -8.32 15.39 21.93
C ILE F 50 -7.47 14.24 22.48
N GLY F 51 -6.46 13.86 21.72
CA GLY F 51 -5.65 12.70 22.07
C GLY F 51 -4.31 12.65 21.37
N TYR F 52 -3.34 12.06 22.06
CA TYR F 52 -2.01 11.84 21.52
C TYR F 52 -1.58 10.41 21.88
N PHE F 53 -1.32 9.58 20.88
CA PHE F 53 -1.05 8.16 21.10
C PHE F 53 0.17 7.67 20.33
N VAL F 54 0.80 6.64 20.87
CA VAL F 54 1.84 5.85 20.19
C VAL F 54 1.27 4.46 19.90
N THR F 55 1.49 3.96 18.70
CA THR F 55 0.97 2.64 18.32
C THR F 55 1.76 1.48 18.96
N ASP F 56 1.07 0.54 19.59
CA ASP F 56 1.73 -0.58 20.23
C ASP F 56 1.64 -1.85 19.38
N ILE F 57 0.51 -2.02 18.72
CA ILE F 57 0.30 -3.14 17.81
C ILE F 57 -0.36 -2.59 16.54
N GLY F 58 0.32 -2.80 15.42
CA GLY F 58 -0.09 -2.32 14.14
C GLY F 58 1.15 -1.81 13.47
N PRO F 59 1.03 -0.73 12.67
CA PRO F 59 2.20 -0.08 12.14
C PRO F 59 2.98 0.55 13.30
N LEU F 60 4.25 0.19 13.41
CA LEU F 60 5.05 0.58 14.56
C LEU F 60 5.87 1.82 14.26
N SER F 61 6.49 2.39 15.32
CA SER F 61 7.06 3.76 15.30
C SER F 61 6.11 4.77 14.64
N GLN F 62 4.86 4.73 15.11
CA GLN F 62 3.77 5.56 14.65
C GLN F 62 3.22 6.37 15.84
N VAL F 63 3.03 7.67 15.68
CA VAL F 63 2.26 8.47 16.62
C VAL F 63 0.99 8.89 15.92
N ILE F 64 -0.06 9.06 16.71
CA ILE F 64 -1.36 9.54 16.22
C ILE F 64 -1.86 10.59 17.21
N HIS F 65 -2.27 11.74 16.70
CA HIS F 65 -2.86 12.80 17.52
C HIS F 65 -4.09 13.35 16.86
N MSE F 66 -5.07 13.68 17.68
CA MSE F 66 -6.37 14.16 17.23
C MSE F 66 -6.66 15.53 17.78
O MSE F 66 -6.41 15.81 18.96
CB MSE F 66 -7.46 13.20 17.62
CG MSE F 66 -7.45 11.93 16.82
SE MSE F 66 -8.75 10.62 17.51
CE MSE F 66 -9.42 11.34 19.04
N TRP F 67 -7.23 16.37 16.92
CA TRP F 67 -7.48 17.76 17.20
C TRP F 67 -8.91 18.11 16.79
N GLY F 68 -9.63 18.72 17.71
CA GLY F 68 -11.01 19.08 17.48
C GLY F 68 -11.10 20.51 17.02
N TYR F 69 -11.96 20.76 16.05
CA TYR F 69 -12.24 22.13 15.59
C TYR F 69 -13.73 22.30 15.36
N ALA F 70 -14.21 23.52 15.54
CA ALA F 70 -15.61 23.84 15.32
C ALA F 70 -15.94 23.85 13.82
N SER F 71 -14.97 24.26 13.01
CA SER F 71 -15.08 24.18 11.56
C SER F 71 -13.69 24.17 10.90
N LEU F 72 -13.69 23.82 9.63
CA LEU F 72 -12.47 23.74 8.86
C LEU F 72 -11.86 25.12 8.60
N ASP F 73 -12.70 26.14 8.38
CA ASP F 73 -12.19 27.50 8.26
C ASP F 73 -11.51 27.90 9.55
N ASP F 74 -12.09 27.52 10.69
CA ASP F 74 -11.45 27.74 11.98
C ASP F 74 -10.14 26.95 12.11
N ARG F 75 -10.11 25.69 11.62
CA ARG F 75 -8.85 24.96 11.60
C ARG F 75 -7.79 25.76 10.84
N ALA F 76 -8.16 26.24 9.66
CA ALA F 76 -7.20 26.95 8.82
C ALA F 76 -6.66 28.18 9.54
N GLU F 77 -7.55 28.96 10.16
CA GLU F 77 -7.15 30.15 10.90
C GLU F 77 -6.12 29.81 11.97
N ARG F 78 -6.40 28.75 12.73
CA ARG F 78 -5.58 28.38 13.88
C ARG F 78 -4.25 27.73 13.49
N ARG F 79 -4.26 26.89 12.45
CA ARG F 79 -3.02 26.31 11.93
C ARG F 79 -2.14 27.35 11.26
N GLY F 80 -2.76 28.35 10.65
CA GLY F 80 -2.06 29.52 10.13
C GLY F 80 -1.43 30.35 11.23
N LYS F 81 -2.14 30.51 12.35
CA LYS F 81 -1.59 31.19 13.52
C LYS F 81 -0.37 30.46 14.07
N LEU F 82 -0.51 29.15 14.27
CA LEU F 82 0.58 28.28 14.70
C LEU F 82 1.83 28.44 13.85
N ALA F 83 1.65 28.40 12.54
CA ALA F 83 2.77 28.50 11.61
C ALA F 83 3.52 29.84 11.65
N GLU F 84 2.83 30.89 12.05
CA GLU F 84 3.47 32.20 12.21
C GLU F 84 4.04 32.44 13.62
N ASP F 85 3.75 31.56 14.56
CA ASP F 85 4.25 31.74 15.91
C ASP F 85 5.76 31.46 15.93
N GLN F 86 6.55 32.38 16.48
CA GLN F 86 8.01 32.33 16.39
C GLN F 86 8.65 31.19 17.19
N ARG F 87 7.99 30.75 18.27
CA ARG F 87 8.46 29.58 19.03
C ARG F 87 8.26 28.28 18.24
N TRP F 88 7.10 28.15 17.61
CA TRP F 88 6.83 27.00 16.75
C TRP F 88 7.82 26.92 15.60
N GLN F 89 8.18 28.07 15.04
CA GLN F 89 9.12 28.10 13.92
C GLN F 89 10.49 27.61 14.34
N ALA F 90 10.90 27.97 15.55
CA ALA F 90 12.17 27.53 16.10
C ALA F 90 12.09 26.04 16.48
N PHE F 91 10.89 25.59 16.84
CA PHE F 91 10.69 24.23 17.29
C PHE F 91 10.52 23.21 16.15
N ILE F 92 9.65 23.54 15.19
CA ILE F 92 9.19 22.52 14.24
C ILE F 92 10.30 21.84 13.40
N PRO F 93 11.37 22.56 13.04
CA PRO F 93 12.44 21.89 12.29
C PRO F 93 13.13 20.77 13.07
N ARG F 94 13.22 20.90 14.39
CA ARG F 94 13.79 19.85 15.23
C ARG F 94 12.89 18.62 15.34
N LEU F 95 11.57 18.84 15.26
CA LEU F 95 10.63 17.73 15.22
C LEU F 95 10.63 17.08 13.84
N SER F 96 10.70 17.91 12.79
CA SER F 96 10.48 17.48 11.40
C SER F 96 11.54 16.52 10.87
N VAL F 97 12.79 16.74 11.25
CA VAL F 97 13.89 15.85 10.90
C VAL F 97 13.75 14.41 11.44
N LEU F 98 12.80 14.19 12.36
CA LEU F 98 12.55 12.86 12.93
C LEU F 98 11.34 12.14 12.28
N ILE F 99 10.65 12.84 11.39
CA ILE F 99 9.47 12.31 10.75
C ILE F 99 9.81 11.78 9.36
N GLU F 100 9.61 10.48 9.16
CA GLU F 100 9.86 9.86 7.85
C GLU F 100 8.69 10.09 6.92
N SER F 101 7.49 9.98 7.45
CA SER F 101 6.27 10.07 6.68
C SER F 101 5.16 10.68 7.53
N SER F 102 4.17 11.30 6.87
CA SER F 102 3.04 11.88 7.58
C SER F 102 1.79 11.90 6.72
N GLU F 103 0.63 11.87 7.37
CA GLU F 103 -0.62 12.11 6.68
C GLU F 103 -1.71 12.49 7.66
N ASN F 104 -2.83 12.94 7.15
CA ASN F 104 -3.95 13.33 7.99
C ASN F 104 -5.28 13.11 7.30
N ARG F 105 -6.36 13.23 8.08
CA ARG F 105 -7.72 13.13 7.57
C ARG F 105 -8.75 13.82 8.48
N ILE F 106 -9.88 14.16 7.88
CA ILE F 106 -10.96 14.85 8.54
C ILE F 106 -12.07 13.87 8.79
N LEU F 107 -12.26 13.59 10.09
CA LEU F 107 -13.29 12.69 10.63
C LEU F 107 -14.50 13.48 11.10
N LEU F 108 -15.70 13.08 10.67
CA LEU F 108 -16.96 13.66 11.19
C LEU F 108 -17.63 12.71 12.18
N PRO F 109 -17.77 13.12 13.45
CA PRO F 109 -18.43 12.28 14.44
C PRO F 109 -19.86 11.90 14.04
N THR F 110 -20.27 10.68 14.33
CA THR F 110 -21.68 10.30 14.17
C THR F 110 -22.49 10.90 15.36
N ASP F 111 -23.83 10.90 15.24
CA ASP F 111 -24.68 11.35 16.34
C ASP F 111 -24.65 10.38 17.55
N PHE F 112 -23.97 9.24 17.43
CA PHE F 112 -23.77 8.35 18.58
C PHE F 112 -22.29 8.22 19.00
N SER F 113 -21.46 9.19 18.63
CA SER F 113 -20.09 9.22 19.06
C SER F 113 -19.99 10.02 20.35
N PRO F 114 -19.50 9.40 21.42
CA PRO F 114 -19.29 10.20 22.65
C PRO F 114 -18.42 11.46 22.43
N LEU F 115 -17.46 11.36 21.53
CA LEU F 115 -16.62 12.50 21.13
C LEU F 115 -17.31 13.12 19.94
N ARG F 116 -17.79 14.35 20.09
CA ARG F 116 -18.80 14.92 19.18
C ARG F 116 -18.84 16.43 19.37
N HIS G 12 9.02 -26.13 -17.70
CA HIS G 12 9.08 -24.88 -18.50
C HIS G 12 9.95 -23.82 -17.82
N MSE G 13 10.32 -22.80 -18.57
CA MSE G 13 11.08 -21.66 -18.06
C MSE G 13 10.26 -20.81 -17.06
O MSE G 13 9.05 -20.62 -17.22
CB MSE G 13 11.50 -20.79 -19.25
CG MSE G 13 12.43 -19.63 -18.95
SE MSE G 13 12.18 -18.13 -20.26
CE MSE G 13 10.44 -17.54 -19.71
N ILE G 14 10.93 -20.31 -16.03
CA ILE G 14 10.33 -19.36 -15.08
C ILE G 14 11.01 -18.00 -15.19
N VAL G 15 10.25 -16.94 -14.94
CA VAL G 15 10.81 -15.59 -14.93
C VAL G 15 10.71 -14.95 -13.54
N GLU G 16 11.80 -14.33 -13.12
CA GLU G 16 11.83 -13.48 -11.95
C GLU G 16 11.84 -12.00 -12.36
N GLU G 17 10.91 -11.23 -11.78
CA GLU G 17 10.88 -9.76 -11.89
C GLU G 17 11.38 -9.13 -10.59
N ARG G 18 12.49 -8.42 -10.66
CA ARG G 18 13.02 -7.69 -9.53
C ARG G 18 12.68 -6.23 -9.74
N ILE G 19 12.19 -5.57 -8.70
CA ILE G 19 11.70 -4.20 -8.81
C ILE G 19 12.29 -3.37 -7.69
N TYR G 20 13.11 -2.38 -8.03
CA TYR G 20 13.73 -1.56 -7.00
C TYR G 20 13.24 -0.10 -7.07
N ARG G 21 13.05 0.50 -5.89
CA ARG G 21 12.91 1.96 -5.77
C ARG G 21 14.27 2.54 -5.40
N ILE G 22 14.78 3.41 -6.26
CA ILE G 22 16.10 4.02 -6.09
C ILE G 22 15.94 5.36 -5.36
N ARG G 23 16.91 5.74 -4.54
CA ARG G 23 16.87 7.02 -3.82
C ARG G 23 16.82 8.20 -4.79
N GLY G 24 16.07 9.23 -4.40
CA GLY G 24 15.86 10.41 -5.21
C GLY G 24 17.19 11.05 -5.55
N GLY G 25 17.41 11.32 -6.84
CA GLY G 25 18.65 11.90 -7.35
C GLY G 25 19.78 10.90 -7.62
N LYS G 26 19.54 9.61 -7.37
CA LYS G 26 20.60 8.62 -7.48
C LYS G 26 20.49 7.68 -8.69
N MSE G 27 19.45 7.84 -9.51
CA MSE G 27 19.22 6.97 -10.68
C MSE G 27 20.40 6.84 -11.64
O MSE G 27 20.86 5.73 -11.90
CB MSE G 27 18.00 7.43 -11.49
CG MSE G 27 17.61 6.47 -12.60
SE MSE G 27 17.23 4.64 -11.97
CE MSE G 27 17.57 3.81 -13.42
N GLN G 28 20.90 7.97 -12.15
CA GLN G 28 22.06 7.93 -13.07
C GLN G 28 23.31 7.31 -12.43
N GLU G 29 23.41 7.43 -11.10
CA GLU G 29 24.50 6.84 -10.37
C GLU G 29 24.29 5.33 -10.31
N TYR G 30 23.03 4.92 -10.18
CA TYR G 30 22.66 3.51 -10.18
C TYR G 30 22.99 2.89 -11.54
N LEU G 31 22.58 3.55 -12.61
CA LEU G 31 22.74 2.98 -13.94
C LEU G 31 24.20 2.91 -14.34
N LYS G 32 24.98 3.91 -13.96
CA LYS G 32 26.41 3.92 -14.27
C LYS G 32 27.09 2.69 -13.68
N LEU G 33 26.87 2.44 -12.39
CA LEU G 33 27.39 1.26 -11.73
C LEU G 33 27.02 -0.06 -12.44
N VAL G 34 25.74 -0.23 -12.78
CA VAL G 34 25.27 -1.47 -13.43
C VAL G 34 25.80 -1.61 -14.87
N ARG G 35 25.70 -0.52 -15.62
CA ARG G 35 26.19 -0.45 -16.99
C ARG G 35 27.69 -0.73 -17.11
N GLU G 36 28.47 -0.13 -16.21
CA GLU G 36 29.94 -0.17 -16.31
C GLU G 36 30.59 -1.34 -15.58
N GLU G 37 29.97 -1.82 -14.50
CA GLU G 37 30.56 -2.93 -13.72
C GLU G 37 29.61 -4.09 -13.45
N GLY G 38 28.45 -3.78 -12.89
CA GLY G 38 27.52 -4.78 -12.39
C GLY G 38 27.08 -5.83 -13.39
N ILE G 39 26.61 -5.41 -14.54
CA ILE G 39 25.92 -6.34 -15.44
C ILE G 39 26.88 -7.37 -16.07
N ALA G 40 28.14 -6.97 -16.27
CA ALA G 40 29.15 -7.89 -16.80
C ALA G 40 29.47 -9.03 -15.80
N ILE G 41 29.51 -8.71 -14.51
CA ILE G 41 29.65 -9.71 -13.45
C ILE G 41 28.42 -10.61 -13.43
N GLN G 42 27.24 -9.99 -13.39
CA GLN G 42 25.96 -10.65 -13.03
C GLN G 42 25.29 -11.49 -14.14
N ALA G 43 25.22 -10.95 -15.36
CA ALA G 43 24.51 -11.59 -16.49
C ALA G 43 25.04 -12.98 -16.91
N PRO G 44 26.37 -13.15 -16.94
CA PRO G 44 26.91 -14.48 -17.20
C PRO G 44 26.47 -15.50 -16.14
N ILE G 45 26.67 -15.15 -14.88
CA ILE G 45 26.39 -16.05 -13.77
C ILE G 45 24.89 -16.45 -13.65
N LEU G 46 24.00 -15.49 -13.84
CA LEU G 46 22.56 -15.76 -13.77
C LEU G 46 22.06 -16.36 -15.08
N GLY G 47 22.65 -15.93 -16.19
CA GLY G 47 22.55 -16.65 -17.46
C GLY G 47 21.54 -16.15 -18.47
N ASN G 48 20.45 -15.56 -18.03
CA ASN G 48 19.42 -15.20 -19.00
C ASN G 48 18.71 -13.90 -18.63
N LEU G 49 19.41 -12.79 -18.85
CA LEU G 49 18.81 -11.44 -18.72
C LEU G 49 17.77 -11.21 -19.80
N ILE G 50 16.53 -10.98 -19.40
CA ILE G 50 15.45 -10.77 -20.35
C ILE G 50 15.37 -9.31 -20.70
N GLY G 51 15.32 -8.45 -19.67
CA GLY G 51 15.21 -7.01 -19.86
C GLY G 51 15.65 -6.20 -18.65
N TYR G 52 15.97 -4.93 -18.87
CA TYR G 52 16.34 -4.02 -17.80
C TYR G 52 15.76 -2.62 -18.10
N PHE G 53 14.92 -2.11 -17.22
CA PHE G 53 14.09 -0.96 -17.54
C PHE G 53 14.09 0.07 -16.45
N VAL G 54 13.90 1.34 -16.85
CA VAL G 54 13.64 2.42 -15.91
C VAL G 54 12.24 2.91 -16.21
N THR G 55 11.43 3.13 -15.19
CA THR G 55 10.04 3.59 -15.40
C THR G 55 9.98 5.10 -15.70
N ASP G 56 9.25 5.43 -16.77
CA ASP G 56 9.03 6.80 -17.21
C ASP G 56 7.63 7.31 -16.81
N ILE G 57 6.63 6.44 -16.88
CA ILE G 57 5.30 6.78 -16.40
C ILE G 57 4.83 5.67 -15.49
N GLY G 58 4.52 6.01 -14.24
CA GLY G 58 4.08 5.04 -13.24
C GLY G 58 4.72 5.35 -11.89
N PRO G 59 5.07 4.32 -11.11
CA PRO G 59 5.94 4.59 -9.95
C PRO G 59 7.34 5.03 -10.43
N LEU G 60 7.82 6.15 -9.93
CA LEU G 60 9.03 6.76 -10.45
C LEU G 60 10.25 6.47 -9.62
N SER G 61 11.42 6.77 -10.18
CA SER G 61 12.71 6.36 -9.60
C SER G 61 12.68 4.84 -9.36
N GLN G 62 12.18 4.11 -10.37
CA GLN G 62 11.92 2.68 -10.31
C GLN G 62 12.73 1.97 -11.41
N VAL G 63 13.49 0.96 -11.00
CA VAL G 63 14.21 0.13 -11.93
C VAL G 63 13.58 -1.27 -11.92
N ILE G 64 13.37 -1.84 -13.10
CA ILE G 64 12.87 -3.21 -13.21
C ILE G 64 13.84 -4.04 -14.05
N HIS G 65 14.17 -5.24 -13.55
CA HIS G 65 14.89 -6.22 -14.37
C HIS G 65 14.30 -7.62 -14.30
N MSE G 66 14.43 -8.32 -15.43
CA MSE G 66 13.92 -9.67 -15.56
C MSE G 66 14.98 -10.70 -15.93
O MSE G 66 15.84 -10.44 -16.79
CB MSE G 66 12.81 -9.71 -16.58
CG MSE G 66 11.48 -9.41 -15.98
SE MSE G 66 10.21 -8.97 -17.37
CE MSE G 66 10.20 -10.61 -18.48
N TRP G 67 14.86 -11.86 -15.28
CA TRP G 67 15.80 -12.96 -15.44
C TRP G 67 15.05 -14.25 -15.66
N GLY G 68 15.40 -14.95 -16.74
CA GLY G 68 14.83 -16.26 -17.04
C GLY G 68 15.66 -17.38 -16.43
N TYR G 69 14.96 -18.39 -15.94
CA TYR G 69 15.59 -19.57 -15.37
C TYR G 69 14.79 -20.82 -15.77
N ALA G 70 15.45 -21.96 -15.79
CA ALA G 70 14.81 -23.25 -16.06
C ALA G 70 14.02 -23.77 -14.84
N SER G 71 14.54 -23.53 -13.63
CA SER G 71 13.91 -23.98 -12.38
C SER G 71 14.29 -23.07 -11.21
N LEU G 72 13.52 -23.16 -10.12
CA LEU G 72 13.75 -22.31 -8.95
C LEU G 72 15.01 -22.75 -8.21
N ASP G 73 15.29 -24.04 -8.31
CA ASP G 73 16.53 -24.60 -7.76
C ASP G 73 17.72 -24.05 -8.54
N ASP G 74 17.66 -24.19 -9.87
CA ASP G 74 18.69 -23.64 -10.75
C ASP G 74 18.85 -22.13 -10.53
N ARG G 75 17.75 -21.43 -10.30
CA ARG G 75 17.83 -20.04 -9.85
C ARG G 75 18.62 -19.93 -8.55
N ALA G 76 18.30 -20.82 -7.61
CA ALA G 76 18.92 -20.78 -6.27
C ALA G 76 20.42 -21.09 -6.33
N GLU G 77 20.80 -21.95 -7.27
CA GLU G 77 22.21 -22.28 -7.49
C GLU G 77 22.97 -21.08 -8.07
N ARG G 78 22.42 -20.49 -9.13
CA ARG G 78 23.06 -19.35 -9.81
C ARG G 78 23.13 -18.10 -8.95
N ARG G 79 22.13 -17.89 -8.09
CA ARG G 79 22.14 -16.76 -7.16
C ARG G 79 23.12 -17.03 -6.02
N GLY G 80 23.34 -18.31 -5.74
CA GLY G 80 24.34 -18.74 -4.78
C GLY G 80 25.74 -18.46 -5.25
N LYS G 81 26.03 -18.87 -6.50
CA LYS G 81 27.28 -18.54 -7.19
C LYS G 81 27.46 -17.03 -7.28
N LEU G 82 26.40 -16.31 -7.65
CA LEU G 82 26.46 -14.86 -7.76
C LEU G 82 26.88 -14.24 -6.44
N ALA G 83 26.16 -14.61 -5.38
CA ALA G 83 26.48 -14.14 -4.02
C ALA G 83 27.93 -14.40 -3.60
N GLU G 84 28.45 -15.57 -3.95
CA GLU G 84 29.78 -15.98 -3.55
C GLU G 84 30.87 -15.26 -4.33
N ASP G 85 30.57 -14.88 -5.57
CA ASP G 85 31.55 -14.23 -6.45
C ASP G 85 32.14 -12.99 -5.78
N GLN G 86 33.47 -12.96 -5.69
CA GLN G 86 34.19 -11.91 -4.96
C GLN G 86 34.08 -10.50 -5.59
N ARG G 87 33.99 -10.42 -6.91
CA ARG G 87 33.86 -9.14 -7.59
C ARG G 87 32.50 -8.56 -7.27
N TRP G 88 31.52 -9.46 -7.17
CA TRP G 88 30.15 -9.11 -6.86
C TRP G 88 30.02 -8.62 -5.42
N GLN G 89 30.72 -9.28 -4.50
CA GLN G 89 30.76 -8.88 -3.09
C GLN G 89 31.33 -7.49 -2.90
N ALA G 90 32.26 -7.11 -3.77
CA ALA G 90 32.85 -5.79 -3.72
C ALA G 90 31.90 -4.78 -4.38
N PHE G 91 31.19 -5.22 -5.42
CA PHE G 91 30.28 -4.33 -6.14
C PHE G 91 28.99 -3.98 -5.39
N ILE G 92 28.35 -5.03 -4.82
CA ILE G 92 26.94 -4.92 -4.38
C ILE G 92 26.70 -3.93 -3.22
N PRO G 93 27.64 -3.81 -2.26
CA PRO G 93 27.48 -2.77 -1.25
C PRO G 93 27.37 -1.36 -1.83
N ARG G 94 28.07 -1.10 -2.93
CA ARG G 94 28.03 0.21 -3.57
C ARG G 94 26.72 0.47 -4.29
N LEU G 95 26.12 -0.58 -4.85
CA LEU G 95 24.82 -0.43 -5.48
C LEU G 95 23.75 -0.30 -4.39
N SER G 96 23.84 -1.16 -3.38
CA SER G 96 22.81 -1.29 -2.35
C SER G 96 22.53 -0.01 -1.55
N VAL G 97 23.57 0.80 -1.35
CA VAL G 97 23.43 2.05 -0.64
C VAL G 97 22.45 3.01 -1.34
N LEU G 98 22.27 2.84 -2.65
CA LEU G 98 21.37 3.69 -3.46
C LEU G 98 19.94 3.14 -3.55
N ILE G 99 19.68 1.96 -3.03
CA ILE G 99 18.39 1.34 -3.16
C ILE G 99 17.52 1.65 -1.94
N GLU G 100 16.36 2.24 -2.15
CA GLU G 100 15.49 2.63 -1.05
C GLU G 100 14.60 1.44 -0.68
N SER G 101 14.11 0.72 -1.68
CA SER G 101 13.39 -0.51 -1.42
C SER G 101 13.50 -1.48 -2.61
N SER G 102 13.24 -2.76 -2.33
CA SER G 102 13.23 -3.81 -3.34
C SER G 102 12.15 -4.88 -3.10
N GLU G 103 11.83 -5.60 -4.16
CA GLU G 103 10.88 -6.69 -4.11
C GLU G 103 10.99 -7.54 -5.38
N ASN G 104 10.69 -8.83 -5.24
CA ASN G 104 10.71 -9.70 -6.38
C ASN G 104 9.49 -10.58 -6.38
N ARG G 105 9.24 -11.18 -7.54
CA ARG G 105 8.19 -12.17 -7.72
C ARG G 105 8.55 -13.15 -8.82
N ILE G 106 7.95 -14.33 -8.76
CA ILE G 106 8.20 -15.37 -9.74
C ILE G 106 6.99 -15.40 -10.64
N LEU G 107 7.24 -15.29 -11.94
CA LEU G 107 6.21 -15.29 -12.95
C LEU G 107 6.27 -16.58 -13.78
N LEU G 108 5.11 -17.14 -14.11
CA LEU G 108 5.01 -18.32 -14.97
C LEU G 108 4.38 -17.88 -16.28
N PRO G 109 5.17 -17.89 -17.38
CA PRO G 109 4.62 -17.54 -18.69
C PRO G 109 3.40 -18.39 -19.03
N THR G 110 2.41 -17.80 -19.68
CA THR G 110 1.29 -18.62 -20.15
C THR G 110 1.79 -19.44 -21.33
N ASP G 111 1.03 -20.48 -21.65
CA ASP G 111 1.40 -21.36 -22.74
C ASP G 111 1.33 -20.62 -24.09
N PHE G 112 0.72 -19.43 -24.10
CA PHE G 112 0.63 -18.57 -25.29
C PHE G 112 1.43 -17.27 -25.18
N SER G 113 2.30 -17.15 -24.18
CA SER G 113 3.21 -16.03 -24.11
C SER G 113 4.36 -16.28 -25.09
N PRO G 114 4.63 -15.33 -25.99
CA PRO G 114 5.80 -15.49 -26.87
C PRO G 114 7.09 -15.78 -26.10
N LEU G 115 7.28 -15.11 -24.96
CA LEU G 115 8.38 -15.42 -24.06
C LEU G 115 7.89 -16.49 -23.08
N ARG G 116 8.43 -17.69 -23.23
CA ARG G 116 7.98 -18.84 -22.48
C ARG G 116 9.00 -19.94 -22.71
N HIS H 12 14.35 4.24 -28.39
CA HIS H 12 13.29 4.04 -29.42
C HIS H 12 12.07 3.34 -28.82
N MSE H 13 12.09 2.00 -28.83
CA MSE H 13 10.95 1.19 -28.36
C MSE H 13 10.62 1.42 -26.88
O MSE H 13 11.52 1.45 -26.04
CB MSE H 13 11.23 -0.30 -28.56
CG MSE H 13 9.99 -1.17 -28.38
SE MSE H 13 10.34 -3.07 -27.98
CE MSE H 13 10.94 -2.88 -26.12
N ILE H 14 9.34 1.52 -26.58
CA ILE H 14 8.89 1.56 -25.19
C ILE H 14 8.14 0.29 -24.82
N VAL H 15 8.15 -0.04 -23.53
CA VAL H 15 7.45 -1.19 -23.03
C VAL H 15 6.31 -0.74 -22.12
N GLU H 16 5.13 -1.32 -22.34
CA GLU H 16 4.04 -1.18 -21.40
C GLU H 16 3.84 -2.44 -20.59
N GLU H 17 3.89 -2.30 -19.26
CA GLU H 17 3.59 -3.37 -18.34
C GLU H 17 2.18 -3.18 -17.76
N ARG H 18 1.28 -4.12 -18.07
CA ARG H 18 -0.05 -4.13 -17.49
C ARG H 18 -0.15 -5.22 -16.43
N ILE H 19 -0.69 -4.86 -15.26
CA ILE H 19 -0.71 -5.76 -14.11
C ILE H 19 -2.13 -5.80 -13.57
N TYR H 20 -2.77 -6.97 -13.65
CA TYR H 20 -4.17 -7.12 -13.22
C TYR H 20 -4.28 -8.03 -12.02
N ARG H 21 -5.25 -7.76 -11.14
CA ARG H 21 -5.65 -8.70 -10.12
C ARG H 21 -7.00 -9.30 -10.57
N ILE H 22 -7.05 -10.61 -10.55
CA ILE H 22 -8.19 -11.38 -11.00
C ILE H 22 -8.98 -11.77 -9.76
N ARG H 23 -10.31 -11.66 -9.87
CA ARG H 23 -11.20 -12.11 -8.80
C ARG H 23 -10.86 -13.56 -8.40
N GLY H 24 -10.90 -13.84 -7.11
CA GLY H 24 -10.58 -15.17 -6.58
C GLY H 24 -11.38 -16.30 -7.22
N GLY H 25 -10.66 -17.32 -7.70
CA GLY H 25 -11.27 -18.47 -8.32
C GLY H 25 -11.55 -18.34 -9.80
N LYS H 26 -11.21 -17.20 -10.40
CA LYS H 26 -11.53 -16.93 -11.80
C LYS H 26 -10.32 -16.96 -12.75
N MSE H 27 -9.12 -17.27 -12.23
CA MSE H 27 -7.92 -17.27 -13.03
C MSE H 27 -8.02 -18.14 -14.27
O MSE H 27 -7.79 -17.66 -15.38
CB MSE H 27 -6.72 -17.73 -12.20
CG MSE H 27 -5.36 -17.59 -12.91
SE MSE H 27 -4.99 -15.78 -13.60
CE MSE H 27 -4.34 -16.28 -15.00
N GLN H 28 -8.38 -19.40 -14.08
CA GLN H 28 -8.51 -20.37 -15.19
C GLN H 28 -9.50 -19.93 -16.24
N GLU H 29 -10.61 -19.36 -15.81
CA GLU H 29 -11.63 -18.85 -16.70
C GLU H 29 -11.08 -17.64 -17.50
N TYR H 30 -10.31 -16.78 -16.81
CA TYR H 30 -9.70 -15.62 -17.45
C TYR H 30 -8.73 -16.03 -18.55
N LEU H 31 -7.94 -17.07 -18.31
CA LEU H 31 -6.93 -17.50 -19.27
C LEU H 31 -7.56 -18.24 -20.43
N LYS H 32 -8.60 -19.01 -20.12
CA LYS H 32 -9.36 -19.69 -21.15
C LYS H 32 -9.92 -18.68 -22.15
N LEU H 33 -10.56 -17.63 -21.64
CA LEU H 33 -11.05 -16.54 -22.51
C LEU H 33 -9.96 -15.90 -23.39
N VAL H 34 -8.85 -15.53 -22.77
CA VAL H 34 -7.74 -14.88 -23.47
C VAL H 34 -7.03 -15.82 -24.46
N ARG H 35 -6.77 -17.05 -24.03
CA ARG H 35 -6.15 -18.06 -24.88
C ARG H 35 -6.96 -18.33 -26.14
N GLU H 36 -8.27 -18.46 -25.99
CA GLU H 36 -9.11 -19.00 -27.05
C GLU H 36 -9.79 -17.95 -27.90
N GLU H 37 -9.87 -16.72 -27.42
CA GLU H 37 -10.61 -15.65 -28.14
C GLU H 37 -9.93 -14.28 -28.10
N GLY H 38 -9.49 -13.88 -26.93
CA GLY H 38 -8.97 -12.52 -26.70
C GLY H 38 -7.67 -12.22 -27.41
N ILE H 39 -6.67 -13.06 -27.20
CA ILE H 39 -5.32 -12.77 -27.68
C ILE H 39 -5.21 -12.77 -29.21
N ALA H 40 -6.13 -13.45 -29.90
CA ALA H 40 -6.11 -13.48 -31.37
C ALA H 40 -6.66 -12.20 -31.94
N ILE H 41 -7.51 -11.52 -31.17
CA ILE H 41 -7.99 -10.19 -31.52
C ILE H 41 -6.94 -9.15 -31.11
N GLN H 42 -6.57 -9.20 -29.83
CA GLN H 42 -5.72 -8.19 -29.22
C GLN H 42 -4.32 -8.07 -29.82
N ALA H 43 -3.62 -9.19 -29.98
CA ALA H 43 -2.19 -9.18 -30.34
C ALA H 43 -1.85 -8.69 -31.74
N PRO H 44 -2.66 -9.05 -32.75
CA PRO H 44 -2.45 -8.42 -34.05
C PRO H 44 -2.60 -6.88 -34.10
N ILE H 45 -3.56 -6.36 -33.33
CA ILE H 45 -3.87 -4.94 -33.36
C ILE H 45 -2.82 -4.14 -32.57
N LEU H 46 -2.37 -4.68 -31.44
CA LEU H 46 -1.36 -4.00 -30.63
C LEU H 46 0.03 -4.21 -31.18
N GLY H 47 0.27 -5.35 -31.84
CA GLY H 47 1.49 -5.57 -32.62
C GLY H 47 2.68 -6.28 -31.98
N ASN H 48 2.92 -6.10 -30.69
CA ASN H 48 4.12 -6.67 -30.09
C ASN H 48 3.91 -7.12 -28.63
N LEU H 49 3.22 -8.24 -28.48
CA LEU H 49 3.13 -8.90 -27.17
C LEU H 49 4.52 -9.43 -26.84
N ILE H 50 5.10 -8.94 -25.76
CA ILE H 50 6.40 -9.41 -25.29
C ILE H 50 6.19 -10.68 -24.46
N GLY H 51 5.19 -10.66 -23.60
CA GLY H 51 5.02 -11.74 -22.65
C GLY H 51 3.76 -11.66 -21.82
N TYR H 52 3.30 -12.82 -21.38
CA TYR H 52 2.03 -12.93 -20.66
C TYR H 52 2.31 -13.93 -19.54
N PHE H 53 2.12 -13.49 -18.29
CA PHE H 53 2.55 -14.28 -17.14
C PHE H 53 1.46 -14.39 -16.08
N VAL H 54 1.50 -15.47 -15.31
CA VAL H 54 0.74 -15.56 -14.07
C VAL H 54 1.71 -15.63 -12.89
N THR H 55 1.41 -14.90 -11.82
CA THR H 55 2.33 -14.86 -10.67
C THR H 55 2.17 -16.11 -9.81
N ASP H 56 3.29 -16.77 -9.51
CA ASP H 56 3.33 -17.98 -8.69
C ASP H 56 3.79 -17.67 -7.27
N ILE H 57 4.71 -16.72 -7.14
CA ILE H 57 5.17 -16.25 -5.83
C ILE H 57 5.26 -14.72 -5.86
N GLY H 58 4.67 -14.05 -4.89
CA GLY H 58 4.43 -12.60 -4.92
C GLY H 58 2.96 -12.29 -4.71
N PRO H 59 2.47 -11.18 -5.29
CA PRO H 59 1.04 -10.96 -5.20
C PRO H 59 0.35 -12.01 -6.06
N LEU H 60 -0.62 -12.73 -5.49
CA LEU H 60 -1.24 -13.84 -6.18
C LEU H 60 -2.52 -13.44 -6.87
N SER H 61 -3.00 -14.35 -7.73
CA SER H 61 -4.16 -14.12 -8.57
C SER H 61 -3.89 -12.87 -9.41
N GLN H 62 -2.66 -12.80 -9.92
CA GLN H 62 -2.14 -11.66 -10.68
C GLN H 62 -1.65 -12.07 -12.07
N VAL H 63 -2.14 -11.39 -13.11
CA VAL H 63 -1.55 -11.52 -14.45
C VAL H 63 -0.77 -10.28 -14.84
N ILE H 64 0.29 -10.52 -15.61
CA ILE H 64 1.13 -9.46 -16.12
C ILE H 64 1.32 -9.69 -17.62
N HIS H 65 1.03 -8.65 -18.40
CA HIS H 65 1.32 -8.67 -19.82
C HIS H 65 2.07 -7.42 -20.25
N MSE H 66 3.07 -7.66 -21.12
CA MSE H 66 3.94 -6.61 -21.64
C MSE H 66 3.79 -6.45 -23.12
O MSE H 66 3.84 -7.42 -23.89
CB MSE H 66 5.39 -6.90 -21.34
CG MSE H 66 5.87 -6.26 -20.06
SE MSE H 66 7.44 -7.17 -19.33
CE MSE H 66 8.66 -7.20 -20.84
N TRP H 67 3.63 -5.19 -23.52
CA TRP H 67 3.44 -4.82 -24.91
C TRP H 67 4.55 -3.90 -25.33
N GLY H 68 5.09 -4.15 -26.53
CA GLY H 68 6.12 -3.33 -27.10
C GLY H 68 5.50 -2.35 -28.07
N TYR H 69 5.94 -1.10 -28.02
CA TYR H 69 5.51 -0.07 -28.95
C TYR H 69 6.69 0.72 -29.45
N ALA H 70 6.56 1.28 -30.65
CA ALA H 70 7.60 2.13 -31.22
C ALA H 70 7.63 3.47 -30.50
N SER H 71 6.45 3.93 -30.10
CA SER H 71 6.27 5.21 -29.41
C SER H 71 4.89 5.22 -28.76
N LEU H 72 4.67 6.20 -27.89
CA LEU H 72 3.41 6.28 -27.13
C LEU H 72 2.25 6.79 -27.99
N ASP H 73 2.55 7.59 -29.02
CA ASP H 73 1.53 7.95 -30.00
C ASP H 73 1.03 6.74 -30.80
N ASP H 74 1.97 5.91 -31.25
CA ASP H 74 1.59 4.65 -31.89
C ASP H 74 0.77 3.76 -30.95
N ARG H 75 1.11 3.73 -29.65
CA ARG H 75 0.28 3.03 -28.68
C ARG H 75 -1.13 3.61 -28.60
N ALA H 76 -1.21 4.95 -28.53
CA ALA H 76 -2.50 5.61 -28.46
C ALA H 76 -3.37 5.23 -29.67
N GLU H 77 -2.81 5.34 -30.87
CA GLU H 77 -3.53 4.99 -32.08
C GLU H 77 -4.00 3.52 -32.04
N ARG H 78 -3.11 2.61 -31.66
CA ARG H 78 -3.42 1.18 -31.72
C ARG H 78 -4.43 0.74 -30.64
N ARG H 79 -4.30 1.30 -29.44
CA ARG H 79 -5.25 1.05 -28.38
C ARG H 79 -6.63 1.64 -28.71
N GLY H 80 -6.62 2.72 -29.48
CA GLY H 80 -7.84 3.27 -30.01
C GLY H 80 -8.51 2.28 -30.93
N LYS H 81 -7.72 1.73 -31.86
CA LYS H 81 -8.24 0.77 -32.82
C LYS H 81 -8.84 -0.45 -32.11
N LEU H 82 -8.18 -0.91 -31.05
CA LEU H 82 -8.63 -2.07 -30.28
C LEU H 82 -9.98 -1.80 -29.63
N ALA H 83 -10.05 -0.70 -28.89
CA ALA H 83 -11.30 -0.24 -28.26
C ALA H 83 -12.45 -0.14 -29.25
N GLU H 84 -12.16 0.28 -30.48
CA GLU H 84 -13.17 0.47 -31.52
C GLU H 84 -13.44 -0.78 -32.38
N ASP H 85 -12.73 -1.87 -32.09
CA ASP H 85 -12.85 -3.13 -32.85
C ASP H 85 -14.09 -3.88 -32.39
N GLN H 86 -14.91 -4.35 -33.34
CA GLN H 86 -16.22 -4.96 -33.00
C GLN H 86 -16.08 -6.31 -32.27
N ARG H 87 -15.07 -7.07 -32.68
CA ARG H 87 -14.73 -8.29 -32.00
C ARG H 87 -14.25 -8.04 -30.58
N TRP H 88 -13.37 -7.06 -30.40
CA TRP H 88 -12.93 -6.72 -29.04
C TRP H 88 -14.09 -6.31 -28.15
N GLN H 89 -14.96 -5.46 -28.66
CA GLN H 89 -16.15 -4.98 -27.93
C GLN H 89 -17.08 -6.11 -27.44
N ALA H 90 -17.22 -7.16 -28.25
CA ALA H 90 -18.00 -8.34 -27.83
C ALA H 90 -17.27 -9.17 -26.78
N PHE H 91 -15.94 -9.09 -26.75
CA PHE H 91 -15.13 -9.96 -25.92
C PHE H 91 -14.88 -9.35 -24.53
N ILE H 92 -14.44 -8.09 -24.53
CA ILE H 92 -13.93 -7.45 -23.34
C ILE H 92 -14.91 -7.43 -22.12
N PRO H 93 -16.23 -7.27 -22.35
CA PRO H 93 -17.11 -7.23 -21.19
C PRO H 93 -17.03 -8.51 -20.40
N ARG H 94 -16.89 -9.64 -21.10
CA ARG H 94 -16.82 -10.96 -20.46
C ARG H 94 -15.51 -11.17 -19.72
N LEU H 95 -14.44 -10.55 -20.16
CA LEU H 95 -13.19 -10.63 -19.41
C LEU H 95 -13.24 -9.68 -18.22
N SER H 96 -13.75 -8.47 -18.44
CA SER H 96 -13.75 -7.40 -17.42
C SER H 96 -14.42 -7.77 -16.10
N VAL H 97 -15.53 -8.50 -16.21
CA VAL H 97 -16.23 -8.97 -15.04
C VAL H 97 -15.32 -9.83 -14.13
N LEU H 98 -14.22 -10.39 -14.68
CA LEU H 98 -13.29 -11.20 -13.87
C LEU H 98 -12.11 -10.40 -13.27
N ILE H 99 -12.01 -9.12 -13.62
CA ILE H 99 -10.89 -8.30 -13.19
C ILE H 99 -11.26 -7.47 -11.95
N GLU H 100 -10.47 -7.66 -10.90
CA GLU H 100 -10.75 -7.01 -9.64
C GLU H 100 -10.09 -5.62 -9.63
N SER H 101 -8.85 -5.54 -10.10
CA SER H 101 -8.20 -4.24 -10.30
C SER H 101 -7.09 -4.34 -11.34
N SER H 102 -6.66 -3.19 -11.84
CA SER H 102 -5.66 -3.15 -12.90
C SER H 102 -4.79 -1.92 -12.80
N GLU H 103 -3.57 -2.00 -13.33
CA GLU H 103 -2.69 -0.85 -13.36
C GLU H 103 -1.70 -1.02 -14.49
N ASN H 104 -1.08 0.08 -14.90
CA ASN H 104 -0.02 -0.01 -15.89
C ASN H 104 1.08 1.04 -15.72
N ARG H 105 2.13 0.87 -16.49
CA ARG H 105 3.26 1.76 -16.44
C ARG H 105 4.04 1.63 -17.72
N ILE H 106 4.78 2.69 -18.05
CA ILE H 106 5.65 2.69 -19.21
C ILE H 106 7.07 2.51 -18.73
N LEU H 107 7.74 1.50 -19.31
CA LEU H 107 9.12 1.17 -19.01
C LEU H 107 9.99 1.50 -20.23
N LEU H 108 11.14 2.10 -19.94
CA LEU H 108 12.13 2.44 -20.93
C LEU H 108 13.31 1.51 -20.73
N PRO H 109 13.57 0.64 -21.72
CA PRO H 109 14.74 -0.21 -21.66
C PRO H 109 16.03 0.58 -21.60
N THR H 110 16.94 0.13 -20.74
CA THR H 110 18.28 0.68 -20.73
C THR H 110 19.04 0.26 -21.98
N ASP H 111 20.19 0.90 -22.20
CA ASP H 111 21.07 0.57 -23.33
C ASP H 111 21.83 -0.76 -23.15
N PHE H 112 21.68 -1.40 -21.99
CA PHE H 112 22.26 -2.73 -21.76
C PHE H 112 21.16 -3.79 -21.57
N SER H 113 19.90 -3.42 -21.86
CA SER H 113 18.80 -4.39 -21.87
C SER H 113 18.86 -5.19 -23.18
N PRO H 114 18.89 -6.52 -23.11
CA PRO H 114 18.85 -7.26 -24.38
C PRO H 114 17.57 -6.95 -25.15
N LEU H 115 16.47 -6.71 -24.41
CA LEU H 115 15.18 -6.32 -24.98
C LEU H 115 15.08 -4.79 -24.97
N ARG H 116 15.01 -4.19 -26.16
CA ARG H 116 15.45 -2.80 -26.32
C ARG H 116 15.14 -2.38 -27.76
P PO4 I . 0.54 -15.94 -29.76
O1 PO4 I . 0.48 -14.42 -29.72
O2 PO4 I . 1.60 -16.41 -28.78
O3 PO4 I . 0.93 -16.46 -31.15
O4 PO4 I . -0.83 -16.48 -29.34
#